data_2LMA
#
_entry.id   2LMA
#
_entity_poly.entity_id   1
_entity_poly.type   'polypeptide(L)'
_entity_poly.pdbx_seq_one_letter_code
;WRPYLQTEYYDVMTVISPPEFG
;
_entity_poly.pdbx_strand_id   A
#
# COMPACT_ATOMS: atom_id res chain seq x y z
N TRP A 1 -13.61 6.84 -5.40
CA TRP A 1 -12.16 6.81 -5.41
C TRP A 1 -11.65 5.59 -6.16
N ARG A 2 -11.57 5.70 -7.48
CA ARG A 2 -11.11 4.59 -8.31
C ARG A 2 -9.70 4.15 -7.89
N PRO A 3 -9.32 2.93 -8.28
CA PRO A 3 -8.01 2.36 -7.95
C PRO A 3 -6.88 3.05 -8.69
N TYR A 4 -6.48 4.23 -8.20
CA TYR A 4 -5.41 4.99 -8.82
C TYR A 4 -4.44 5.53 -7.77
N LEU A 5 -4.94 6.42 -6.92
CA LEU A 5 -4.12 7.01 -5.87
C LEU A 5 -4.01 6.08 -4.67
N GLN A 6 -4.99 5.19 -4.53
CA GLN A 6 -5.00 4.23 -3.43
C GLN A 6 -3.68 3.48 -3.36
N THR A 7 -3.23 2.96 -4.49
CA THR A 7 -1.98 2.21 -4.56
C THR A 7 -0.78 3.13 -4.34
N GLU A 8 -0.91 4.38 -4.76
CA GLU A 8 0.15 5.35 -4.60
C GLU A 8 0.59 5.45 -3.15
N TYR A 9 -0.34 5.19 -2.24
CA TYR A 9 -0.05 5.26 -0.80
C TYR A 9 0.64 3.99 -0.33
N TYR A 10 0.12 2.85 -0.75
CA TYR A 10 0.68 1.56 -0.37
C TYR A 10 2.10 1.40 -0.90
N ASP A 11 2.37 2.01 -2.05
CA ASP A 11 3.69 1.94 -2.67
C ASP A 11 4.77 2.42 -1.69
N VAL A 12 4.40 3.39 -0.84
CA VAL A 12 5.34 3.94 0.13
C VAL A 12 5.21 3.21 1.47
N MET A 13 4.02 2.71 1.76
CA MET A 13 3.77 1.99 3.00
C MET A 13 3.76 0.48 2.77
N THR A 14 4.58 0.03 1.82
CA THR A 14 4.66 -1.39 1.50
C THR A 14 5.65 -2.10 2.41
N VAL A 15 6.33 -1.34 3.27
CA VAL A 15 7.30 -1.89 4.20
C VAL A 15 6.66 -2.20 5.55
N ILE A 16 5.34 -2.02 5.62
CA ILE A 16 4.61 -2.27 6.86
C ILE A 16 3.23 -2.87 6.57
N SER A 17 2.96 -3.10 5.29
CA SER A 17 1.67 -3.65 4.88
C SER A 17 1.80 -5.15 4.60
N PRO A 18 2.52 -5.50 3.54
CA PRO A 18 2.73 -6.90 3.14
C PRO A 18 3.63 -7.65 4.12
N PRO A 19 4.52 -6.90 4.79
CA PRO A 19 5.45 -7.48 5.76
C PRO A 19 4.75 -7.95 7.03
N GLU A 20 3.51 -7.49 7.23
CA GLU A 20 2.74 -7.87 8.40
C GLU A 20 2.08 -9.23 8.20
N PHE A 21 1.96 -9.64 6.94
CA PHE A 21 1.34 -10.91 6.61
C PHE A 21 2.10 -12.07 7.27
N GLY A 22 3.38 -11.85 7.54
CA GLY A 22 4.19 -12.88 8.16
C GLY A 22 3.56 -13.43 9.42
N TRP A 1 -13.96 3.42 -5.78
CA TRP A 1 -13.13 2.47 -6.51
C TRP A 1 -12.24 3.18 -7.51
N ARG A 2 -11.35 4.02 -7.01
CA ARG A 2 -10.43 4.77 -7.86
C ARG A 2 -8.97 4.42 -7.52
N PRO A 3 -8.57 3.18 -7.83
CA PRO A 3 -7.22 2.70 -7.57
C PRO A 3 -6.18 3.37 -8.47
N TYR A 4 -5.81 4.60 -8.12
CA TYR A 4 -4.83 5.35 -8.91
C TYR A 4 -3.80 6.02 -8.00
N LEU A 5 -4.27 6.95 -7.17
CA LEU A 5 -3.40 7.66 -6.25
C LEU A 5 -3.14 6.84 -4.99
N GLN A 6 -4.07 5.93 -4.69
CA GLN A 6 -3.94 5.08 -3.51
C GLN A 6 -2.61 4.32 -3.53
N THR A 7 -2.34 3.64 -4.64
CA THR A 7 -1.11 2.87 -4.78
C THR A 7 0.11 3.77 -4.69
N GLU A 8 -0.04 5.01 -5.17
CA GLU A 8 1.07 5.96 -5.15
C GLU A 8 1.63 6.11 -3.75
N TYR A 9 0.78 5.88 -2.74
CA TYR A 9 1.20 5.99 -1.35
C TYR A 9 1.63 4.64 -0.80
N TYR A 10 0.83 3.61 -1.09
CA TYR A 10 1.11 2.26 -0.62
C TYR A 10 2.50 1.81 -1.08
N ASP A 11 2.94 2.32 -2.23
CA ASP A 11 4.24 1.98 -2.78
C ASP A 11 5.35 2.33 -1.79
N VAL A 12 5.12 3.36 -0.99
CA VAL A 12 6.11 3.79 0.00
C VAL A 12 5.86 3.12 1.35
N MET A 13 4.60 2.80 1.63
CA MET A 13 4.23 2.15 2.88
C MET A 13 3.99 0.65 2.67
N THR A 14 4.74 0.07 1.74
CA THR A 14 4.62 -1.35 1.44
C THR A 14 5.48 -2.19 2.38
N VAL A 15 6.25 -1.51 3.24
CA VAL A 15 7.12 -2.20 4.18
C VAL A 15 6.42 -2.40 5.52
N ILE A 16 5.14 -2.02 5.58
CA ILE A 16 4.37 -2.16 6.81
C ILE A 16 2.92 -2.54 6.50
N SER A 17 2.63 -2.73 5.21
CA SER A 17 1.28 -3.10 4.78
C SER A 17 1.18 -4.60 4.52
N PRO A 18 1.86 -5.07 3.47
CA PRO A 18 1.86 -6.48 3.10
C PRO A 18 2.62 -7.35 4.09
N PRO A 19 3.61 -6.74 4.76
CA PRO A 19 4.43 -7.44 5.76
C PRO A 19 3.65 -7.79 7.02
N GLU A 20 2.50 -7.13 7.19
CA GLU A 20 1.66 -7.38 8.36
C GLU A 20 0.80 -8.62 8.17
N PHE A 21 0.63 -9.02 6.92
CA PHE A 21 -0.17 -10.20 6.59
C PHE A 21 0.38 -11.44 7.28
N GLY A 22 1.70 -11.50 7.41
CA GLY A 22 2.33 -12.64 8.05
C GLY A 22 1.89 -13.96 7.46
N TRP A 1 -12.35 1.58 -5.67
CA TRP A 1 -13.06 2.43 -6.62
C TRP A 1 -12.12 3.03 -7.65
N ARG A 2 -11.30 3.97 -7.21
CA ARG A 2 -10.34 4.63 -8.10
C ARG A 2 -8.91 4.28 -7.71
N PRO A 3 -8.50 3.04 -7.99
CA PRO A 3 -7.15 2.56 -7.68
C PRO A 3 -6.08 3.21 -8.54
N TYR A 4 -5.71 4.44 -8.20
CA TYR A 4 -4.71 5.18 -8.95
C TYR A 4 -3.72 5.87 -8.01
N LEU A 5 -4.23 6.81 -7.22
CA LEU A 5 -3.41 7.54 -6.27
C LEU A 5 -3.21 6.75 -4.98
N GLN A 6 -4.13 5.84 -4.71
CA GLN A 6 -4.06 5.01 -3.51
C GLN A 6 -2.75 4.25 -3.46
N THR A 7 -2.44 3.54 -4.54
CA THR A 7 -1.21 2.76 -4.61
C THR A 7 0.02 3.65 -4.50
N GLU A 8 -0.09 4.87 -5.01
CA GLU A 8 1.01 5.83 -4.96
C GLU A 8 1.51 6.00 -3.52
N TYR A 9 0.61 5.80 -2.56
CA TYR A 9 0.97 5.94 -1.16
C TYR A 9 1.43 4.60 -0.57
N TYR A 10 0.69 3.54 -0.88
CA TYR A 10 1.02 2.21 -0.40
C TYR A 10 2.42 1.80 -0.83
N ASP A 11 2.83 2.28 -2.00
CA ASP A 11 4.15 1.97 -2.54
C ASP A 11 5.24 2.31 -1.52
N VAL A 12 5.05 3.41 -0.79
CA VAL A 12 6.01 3.83 0.21
C VAL A 12 5.79 3.13 1.54
N MET A 13 4.54 2.73 1.79
CA MET A 13 4.19 2.04 3.02
C MET A 13 4.04 0.54 2.78
N THR A 14 4.83 0.01 1.85
CA THR A 14 4.78 -1.41 1.52
C THR A 14 5.67 -2.22 2.45
N VAL A 15 6.39 -1.52 3.33
CA VAL A 15 7.28 -2.19 4.28
C VAL A 15 6.57 -2.45 5.60
N ILE A 16 5.29 -2.13 5.65
CA ILE A 16 4.50 -2.34 6.86
C ILE A 16 3.07 -2.78 6.51
N SER A 17 2.81 -2.98 5.23
CA SER A 17 1.49 -3.40 4.76
C SER A 17 1.47 -4.89 4.47
N PRO A 18 2.19 -5.31 3.43
CA PRO A 18 2.27 -6.71 3.02
C PRO A 18 3.06 -7.56 4.02
N PRO A 19 4.01 -6.91 4.71
CA PRO A 19 4.85 -7.59 5.71
C PRO A 19 4.07 -8.00 6.95
N GLU A 20 2.89 -7.42 7.12
CA GLU A 20 2.05 -7.72 8.27
C GLU A 20 1.25 -9.01 8.03
N PHE A 21 1.12 -9.39 6.77
CA PHE A 21 0.40 -10.61 6.41
C PHE A 21 1.01 -11.83 7.07
N GLY A 22 2.31 -11.75 7.38
CA GLY A 22 3.00 -12.86 8.01
C GLY A 22 2.29 -13.35 9.26
N TRP A 1 -11.89 2.12 -4.08
CA TRP A 1 -12.18 1.49 -5.36
C TRP A 1 -11.32 2.08 -6.47
N ARG A 2 -10.18 1.44 -6.75
CA ARG A 2 -9.27 1.91 -7.79
C ARG A 2 -8.93 3.38 -7.58
N PRO A 3 -8.18 3.66 -6.51
CA PRO A 3 -7.76 5.03 -6.18
C PRO A 3 -6.74 5.59 -7.16
N TYR A 4 -6.17 6.74 -6.84
CA TYR A 4 -5.17 7.37 -7.69
C TYR A 4 -3.96 7.81 -6.89
N LEU A 5 -4.17 8.75 -5.98
CA LEU A 5 -3.09 9.27 -5.14
C LEU A 5 -2.83 8.32 -3.97
N GLN A 6 -3.84 7.55 -3.59
CA GLN A 6 -3.71 6.61 -2.49
C GLN A 6 -2.54 5.65 -2.71
N THR A 7 -2.55 4.99 -3.86
CA THR A 7 -1.49 4.05 -4.21
C THR A 7 -0.13 4.72 -4.22
N GLU A 8 -0.11 6.00 -4.60
CA GLU A 8 1.13 6.77 -4.66
C GLU A 8 1.85 6.73 -3.31
N TYR A 9 1.09 6.54 -2.24
CA TYR A 9 1.66 6.49 -0.89
C TYR A 9 1.93 5.04 -0.48
N TYR A 10 1.00 4.16 -0.80
CA TYR A 10 1.14 2.75 -0.45
C TYR A 10 2.37 2.14 -1.11
N ASP A 11 2.78 2.72 -2.24
CA ASP A 11 3.94 2.25 -2.97
C ASP A 11 5.18 2.26 -2.09
N VAL A 12 5.33 3.31 -1.30
CA VAL A 12 6.47 3.44 -0.40
C VAL A 12 6.23 2.70 0.91
N MET A 13 4.96 2.57 1.28
CA MET A 13 4.59 1.90 2.52
C MET A 13 4.08 0.48 2.22
N THR A 14 4.65 -0.15 1.20
CA THR A 14 4.25 -1.50 0.83
C THR A 14 5.03 -2.54 1.62
N VAL A 15 5.97 -2.08 2.43
CA VAL A 15 6.79 -2.97 3.25
C VAL A 15 6.18 -3.15 4.64
N ILE A 16 5.01 -2.56 4.86
CA ILE A 16 4.34 -2.65 6.14
C ILE A 16 2.83 -2.77 5.95
N SER A 17 2.39 -2.83 4.69
CA SER A 17 0.97 -2.93 4.38
C SER A 17 0.59 -4.38 4.06
N PRO A 18 1.09 -4.88 2.92
CA PRO A 18 0.82 -6.25 2.47
C PRO A 18 1.51 -7.29 3.34
N PRO A 19 2.64 -6.90 3.96
CA PRO A 19 3.41 -7.78 4.82
C PRO A 19 2.70 -8.08 6.13
N GLU A 20 1.69 -7.28 6.45
CA GLU A 20 0.92 -7.46 7.67
C GLU A 20 -0.15 -8.53 7.50
N PHE A 21 -0.49 -8.81 6.24
CA PHE A 21 -1.50 -9.82 5.93
C PHE A 21 -1.11 -11.18 6.50
N GLY A 22 0.19 -11.44 6.54
CA GLY A 22 0.68 -12.71 7.06
C GLY A 22 0.00 -13.90 6.42
N TRP A 1 -13.93 6.46 -4.67
CA TRP A 1 -12.65 6.72 -5.30
C TRP A 1 -12.15 5.49 -6.06
N ARG A 2 -11.76 5.70 -7.32
CA ARG A 2 -11.27 4.60 -8.15
C ARG A 2 -9.86 4.19 -7.72
N PRO A 3 -9.46 2.98 -8.12
CA PRO A 3 -8.14 2.43 -7.78
C PRO A 3 -7.01 3.15 -8.53
N TYR A 4 -6.64 4.32 -8.03
CA TYR A 4 -5.58 5.11 -8.66
C TYR A 4 -4.61 5.64 -7.61
N LEU A 5 -5.11 6.51 -6.74
CA LEU A 5 -4.29 7.10 -5.68
C LEU A 5 -4.16 6.15 -4.51
N GLN A 6 -5.13 5.25 -4.37
CA GLN A 6 -5.11 4.27 -3.28
C GLN A 6 -3.78 3.54 -3.22
N THR A 7 -3.34 3.04 -4.37
CA THR A 7 -2.08 2.31 -4.46
C THR A 7 -0.89 3.23 -4.24
N GLU A 8 -1.04 4.49 -4.64
CA GLU A 8 0.02 5.47 -4.48
C GLU A 8 0.48 5.56 -3.04
N TYR A 9 -0.43 5.24 -2.11
CA TYR A 9 -0.12 5.29 -0.69
C TYR A 9 0.56 4.00 -0.25
N TYR A 10 0.02 2.86 -0.68
CA TYR A 10 0.57 1.56 -0.32
C TYR A 10 1.99 1.40 -0.88
N ASP A 11 2.24 2.04 -2.02
CA ASP A 11 3.55 1.96 -2.65
C ASP A 11 4.65 2.43 -1.70
N VAL A 12 4.31 3.40 -0.85
CA VAL A 12 5.27 3.92 0.11
C VAL A 12 5.17 3.20 1.45
N MET A 13 3.97 2.68 1.75
CA MET A 13 3.74 1.96 2.99
C MET A 13 3.73 0.46 2.75
N THR A 14 4.54 0.00 1.80
CA THR A 14 4.62 -1.42 1.47
C THR A 14 5.62 -2.13 2.37
N VAL A 15 6.30 -1.36 3.22
CA VAL A 15 7.29 -1.93 4.14
C VAL A 15 6.66 -2.24 5.50
N ILE A 16 5.35 -2.04 5.60
CA ILE A 16 4.63 -2.30 6.84
C ILE A 16 3.25 -2.90 6.56
N SER A 17 2.96 -3.14 5.28
CA SER A 17 1.68 -3.70 4.89
C SER A 17 1.80 -5.19 4.62
N PRO A 18 2.52 -5.55 3.54
CA PRO A 18 2.73 -6.95 3.16
C PRO A 18 3.64 -7.69 4.13
N PRO A 19 4.54 -6.94 4.79
CA PRO A 19 5.48 -7.51 5.76
C PRO A 19 4.79 -7.98 7.04
N GLU A 20 3.55 -7.52 7.23
CA GLU A 20 2.79 -7.90 8.41
C GLU A 20 2.12 -9.26 8.22
N PHE A 21 1.99 -9.67 6.97
CA PHE A 21 1.37 -10.96 6.65
C PHE A 21 2.12 -12.10 7.32
N GLY A 22 3.44 -11.95 7.43
CA GLY A 22 4.26 -12.99 8.04
C GLY A 22 4.01 -14.35 7.44
N TRP A 1 -14.39 2.95 -9.95
CA TRP A 1 -13.89 4.11 -9.24
C TRP A 1 -12.72 3.73 -8.33
N ARG A 2 -11.60 3.33 -8.95
CA ARG A 2 -10.41 2.94 -8.19
C ARG A 2 -9.67 4.17 -7.67
N PRO A 3 -8.82 3.96 -6.65
CA PRO A 3 -8.04 5.03 -6.04
C PRO A 3 -6.96 5.56 -6.96
N TYR A 4 -6.33 6.67 -6.56
CA TYR A 4 -5.27 7.28 -7.36
C TYR A 4 -4.08 7.65 -6.48
N LEU A 5 -4.31 8.59 -5.56
CA LEU A 5 -3.25 9.04 -4.66
C LEU A 5 -3.09 8.07 -3.49
N GLN A 6 -4.15 7.34 -3.18
CA GLN A 6 -4.13 6.38 -2.08
C GLN A 6 -2.97 5.39 -2.25
N THR A 7 -2.88 4.79 -3.42
CA THR A 7 -1.82 3.83 -3.71
C THR A 7 -0.46 4.48 -3.65
N GLU A 8 -0.40 5.76 -4.04
CA GLU A 8 0.86 6.51 -4.02
C GLU A 8 1.54 6.41 -2.67
N TYR A 9 0.74 6.25 -1.62
CA TYR A 9 1.26 6.16 -0.26
C TYR A 9 1.68 4.72 0.06
N TYR A 10 0.81 3.77 -0.29
CA TYR A 10 1.08 2.36 -0.05
C TYR A 10 2.31 1.89 -0.82
N ASP A 11 2.58 2.56 -1.94
CA ASP A 11 3.73 2.22 -2.78
C ASP A 11 5.03 2.30 -1.99
N VAL A 12 5.07 3.23 -1.02
CA VAL A 12 6.25 3.42 -0.20
C VAL A 12 6.15 2.62 1.10
N MET A 13 4.92 2.39 1.55
CA MET A 13 4.69 1.64 2.79
C MET A 13 4.25 0.21 2.47
N THR A 14 4.76 -0.33 1.37
CA THR A 14 4.42 -1.69 0.96
C THR A 14 5.32 -2.72 1.64
N VAL A 15 6.30 -2.23 2.41
CA VAL A 15 7.22 -3.11 3.12
C VAL A 15 6.73 -3.38 4.54
N ILE A 16 5.55 -2.87 4.87
CA ILE A 16 4.98 -3.07 6.19
C ILE A 16 3.46 -3.25 6.12
N SER A 17 2.94 -3.30 4.90
CA SER A 17 1.51 -3.48 4.69
C SER A 17 1.20 -4.93 4.32
N PRO A 18 1.63 -5.34 3.12
CA PRO A 18 1.42 -6.71 2.63
C PRO A 18 2.23 -7.75 3.40
N PRO A 19 3.37 -7.31 3.94
CA PRO A 19 4.26 -8.18 4.71
C PRO A 19 3.67 -8.59 6.05
N GLU A 20 2.65 -7.85 6.49
CA GLU A 20 1.98 -8.14 7.75
C GLU A 20 0.97 -9.26 7.59
N PHE A 21 0.56 -9.51 6.36
CA PHE A 21 -0.42 -10.57 6.09
C PHE A 21 0.10 -11.92 6.54
N GLY A 22 1.43 -12.06 6.60
CA GLY A 22 2.03 -13.30 7.02
C GLY A 22 1.49 -13.80 8.35
N TRP A 1 -12.84 3.40 -4.04
CA TRP A 1 -13.28 4.10 -5.22
C TRP A 1 -12.11 4.78 -5.93
N ARG A 2 -12.17 4.81 -7.26
CA ARG A 2 -11.11 5.42 -8.05
C ARG A 2 -9.74 4.85 -7.67
N PRO A 3 -9.49 3.60 -8.06
CA PRO A 3 -8.22 2.92 -7.76
C PRO A 3 -7.06 3.50 -8.55
N TYR A 4 -6.54 4.63 -8.09
CA TYR A 4 -5.42 5.29 -8.76
C TYR A 4 -4.38 5.75 -7.73
N LEU A 5 -4.77 6.68 -6.88
CA LEU A 5 -3.87 7.21 -5.86
C LEU A 5 -3.80 6.27 -4.65
N GLN A 6 -4.86 5.48 -4.47
CA GLN A 6 -4.92 4.53 -3.36
C GLN A 6 -3.68 3.66 -3.32
N THR A 7 -3.31 3.09 -4.47
CA THR A 7 -2.14 2.24 -4.57
C THR A 7 -0.85 3.04 -4.39
N GLU A 8 -0.88 4.30 -4.82
CA GLU A 8 0.28 5.16 -4.72
C GLU A 8 0.78 5.23 -3.27
N TYR A 9 -0.14 5.06 -2.33
CA TYR A 9 0.21 5.10 -0.91
C TYR A 9 0.77 3.76 -0.44
N TYR A 10 0.10 2.68 -0.84
CA TYR A 10 0.53 1.34 -0.47
C TYR A 10 1.91 1.02 -1.05
N ASP A 11 2.21 1.63 -2.18
CA ASP A 11 3.50 1.42 -2.85
C ASP A 11 4.66 1.85 -1.94
N VAL A 12 4.51 3.02 -1.34
CA VAL A 12 5.54 3.56 -0.45
C VAL A 12 5.44 2.93 0.94
N MET A 13 4.24 2.51 1.31
CA MET A 13 4.01 1.90 2.61
C MET A 13 3.91 0.38 2.48
N THR A 14 4.65 -0.18 1.54
CA THR A 14 4.64 -1.62 1.32
C THR A 14 5.66 -2.32 2.21
N VAL A 15 6.42 -1.53 2.97
CA VAL A 15 7.42 -2.08 3.88
C VAL A 15 6.86 -2.24 5.28
N ILE A 16 5.56 -1.98 5.43
CA ILE A 16 4.91 -2.10 6.73
C ILE A 16 3.48 -2.65 6.57
N SER A 17 3.12 -2.98 5.33
CA SER A 17 1.79 -3.51 5.05
C SER A 17 1.83 -5.03 4.90
N PRO A 18 2.48 -5.50 3.82
CA PRO A 18 2.61 -6.92 3.54
C PRO A 18 3.54 -7.63 4.51
N PRO A 19 4.50 -6.88 5.07
CA PRO A 19 5.47 -7.41 6.03
C PRO A 19 4.83 -7.75 7.37
N GLU A 20 3.63 -7.22 7.61
CA GLU A 20 2.91 -7.47 8.84
C GLU A 20 2.19 -8.80 8.80
N PHE A 21 1.96 -9.31 7.58
CA PHE A 21 1.27 -10.58 7.41
C PHE A 21 2.01 -11.71 8.12
N GLY A 22 3.35 -11.62 8.16
CA GLY A 22 4.15 -12.63 8.81
C GLY A 22 3.81 -14.03 8.33
N TRP A 1 -14.57 5.63 -5.40
CA TRP A 1 -13.63 5.90 -6.49
C TRP A 1 -12.65 4.75 -6.66
N ARG A 2 -12.37 4.41 -7.92
CA ARG A 2 -11.44 3.32 -8.22
C ARG A 2 -10.08 3.57 -7.57
N PRO A 3 -9.29 2.51 -7.42
CA PRO A 3 -7.95 2.58 -6.82
C PRO A 3 -6.96 3.32 -7.71
N TYR A 4 -6.57 4.52 -7.29
CA TYR A 4 -5.63 5.33 -8.05
C TYR A 4 -4.56 5.93 -7.14
N LEU A 5 -4.99 6.81 -6.25
CA LEU A 5 -4.08 7.46 -5.31
C LEU A 5 -3.76 6.54 -4.14
N GLN A 6 -4.66 5.61 -3.86
CA GLN A 6 -4.47 4.66 -2.77
C GLN A 6 -3.11 3.97 -2.86
N THR A 7 -2.81 3.43 -4.04
CA THR A 7 -1.54 2.75 -4.26
C THR A 7 -0.37 3.72 -4.19
N GLU A 8 -0.62 4.96 -4.60
CA GLU A 8 0.42 5.99 -4.59
C GLU A 8 1.03 6.13 -3.19
N TYR A 9 0.24 5.78 -2.17
CA TYR A 9 0.70 5.87 -0.79
C TYR A 9 1.26 4.54 -0.32
N TYR A 10 0.55 3.46 -0.62
CA TYR A 10 0.97 2.13 -0.22
C TYR A 10 2.36 1.81 -0.76
N ASP A 11 2.71 2.43 -1.89
CA ASP A 11 4.01 2.22 -2.51
C ASP A 11 5.13 2.55 -1.54
N VAL A 12 4.85 3.45 -0.59
CA VAL A 12 5.83 3.87 0.40
C VAL A 12 5.67 3.07 1.69
N MET A 13 4.45 2.65 1.97
CA MET A 13 4.16 1.87 3.17
C MET A 13 4.04 0.39 2.85
N THR A 14 4.81 -0.07 1.88
CA THR A 14 4.79 -1.47 1.47
C THR A 14 5.73 -2.31 2.33
N VAL A 15 6.47 -1.64 3.21
CA VAL A 15 7.41 -2.32 4.09
C VAL A 15 6.76 -2.65 5.43
N ILE A 16 5.47 -2.38 5.54
CA ILE A 16 4.72 -2.66 6.77
C ILE A 16 3.31 -3.12 6.46
N SER A 17 3.00 -3.26 5.18
CA SER A 17 1.67 -3.70 4.76
C SER A 17 1.68 -5.19 4.40
N PRO A 18 2.37 -5.52 3.30
CA PRO A 18 2.47 -6.90 2.83
C PRO A 18 3.32 -7.77 3.75
N PRO A 19 4.28 -7.14 4.45
CA PRO A 19 5.17 -7.83 5.37
C PRO A 19 4.45 -8.32 6.62
N GLU A 20 3.26 -7.78 6.86
CA GLU A 20 2.47 -8.17 8.02
C GLU A 20 1.69 -9.45 7.75
N PHE A 21 1.48 -9.75 6.47
CA PHE A 21 0.74 -10.94 6.07
C PHE A 21 1.41 -12.21 6.63
N GLY A 22 2.73 -12.17 6.72
CA GLY A 22 3.47 -13.31 7.24
C GLY A 22 3.11 -14.60 6.52
N TRP A 1 -14.18 3.99 -5.98
CA TRP A 1 -12.90 3.77 -5.32
C TRP A 1 -11.78 4.46 -6.09
N ARG A 2 -11.84 4.40 -7.41
CA ARG A 2 -10.83 5.01 -8.27
C ARG A 2 -9.43 4.55 -7.87
N PRO A 3 -9.10 3.28 -8.21
CA PRO A 3 -7.80 2.68 -7.90
C PRO A 3 -6.68 3.31 -8.72
N TYR A 4 -6.23 4.48 -8.31
CA TYR A 4 -5.15 5.17 -9.02
C TYR A 4 -4.13 5.74 -8.02
N LEU A 5 -4.56 6.68 -7.21
CA LEU A 5 -3.69 7.30 -6.22
C LEU A 5 -3.56 6.42 -4.98
N GLN A 6 -4.57 5.57 -4.76
CA GLN A 6 -4.56 4.68 -3.60
C GLN A 6 -3.26 3.88 -3.54
N THR A 7 -2.88 3.28 -4.67
CA THR A 7 -1.66 2.49 -4.74
C THR A 7 -0.42 3.37 -4.61
N GLU A 8 -0.53 4.61 -5.09
CA GLU A 8 0.58 5.55 -5.02
C GLU A 8 1.07 5.71 -3.60
N TYR A 9 0.17 5.52 -2.64
CA TYR A 9 0.51 5.65 -1.23
C TYR A 9 1.08 4.35 -0.67
N TYR A 10 0.43 3.24 -1.01
CA TYR A 10 0.87 1.93 -0.56
C TYR A 10 2.25 1.60 -1.10
N ASP A 11 2.56 2.11 -2.28
CA ASP A 11 3.85 1.87 -2.91
C ASP A 11 4.99 2.27 -1.98
N VAL A 12 4.76 3.31 -1.20
CA VAL A 12 5.77 3.79 -0.26
C VAL A 12 5.59 3.15 1.12
N MET A 13 4.35 2.80 1.44
CA MET A 13 4.04 2.19 2.72
C MET A 13 3.86 0.67 2.57
N THR A 14 4.62 0.08 1.66
CA THR A 14 4.54 -1.36 1.42
C THR A 14 5.46 -2.12 2.36
N VAL A 15 6.23 -1.38 3.17
CA VAL A 15 7.15 -2.00 4.12
C VAL A 15 6.48 -2.18 5.48
N ILE A 16 5.20 -1.83 5.56
CA ILE A 16 4.46 -1.95 6.81
C ILE A 16 3.02 -2.40 6.55
N SER A 17 2.72 -2.68 5.29
CA SER A 17 1.38 -3.11 4.90
C SER A 17 1.34 -4.63 4.72
N PRO A 18 2.01 -5.11 3.67
CA PRO A 18 2.06 -6.55 3.36
C PRO A 18 2.89 -7.33 4.38
N PRO A 19 3.86 -6.66 5.00
CA PRO A 19 4.75 -7.27 6.00
C PRO A 19 4.00 -7.58 7.30
N GLU A 20 2.83 -6.98 7.47
CA GLU A 20 2.03 -7.20 8.66
C GLU A 20 1.22 -8.49 8.55
N PHE A 21 1.04 -8.95 7.32
CA PHE A 21 0.28 -10.18 7.07
C PHE A 21 0.91 -11.36 7.80
N GLY A 22 2.23 -11.35 7.91
CA GLY A 22 2.93 -12.43 8.59
C GLY A 22 2.54 -13.81 8.06
N TRP A 1 -12.59 2.87 -3.43
CA TRP A 1 -13.01 2.23 -4.68
C TRP A 1 -12.35 2.89 -5.88
N ARG A 2 -11.13 3.35 -5.70
CA ARG A 2 -10.39 4.01 -6.77
C ARG A 2 -8.88 3.81 -6.60
N PRO A 3 -8.42 2.57 -6.79
CA PRO A 3 -7.00 2.21 -6.65
C PRO A 3 -6.16 2.80 -7.78
N TYR A 4 -5.76 4.07 -7.62
CA TYR A 4 -4.95 4.74 -8.61
C TYR A 4 -3.80 5.49 -7.96
N LEU A 5 -4.12 6.54 -7.22
CA LEU A 5 -3.11 7.34 -6.53
C LEU A 5 -2.60 6.62 -5.29
N GLN A 6 -3.41 5.72 -4.75
CA GLN A 6 -3.04 4.96 -3.56
C GLN A 6 -1.72 4.23 -3.77
N THR A 7 -1.67 3.39 -4.80
CA THR A 7 -0.47 2.63 -5.11
C THR A 7 0.74 3.55 -5.25
N GLU A 8 0.49 4.79 -5.65
CA GLU A 8 1.57 5.76 -5.82
C GLU A 8 2.32 5.98 -4.52
N TYR A 9 1.68 5.63 -3.40
CA TYR A 9 2.29 5.79 -2.09
C TYR A 9 2.73 4.45 -1.53
N TYR A 10 2.17 3.37 -2.08
CA TYR A 10 2.50 2.03 -1.63
C TYR A 10 4.01 1.82 -1.61
N ASP A 11 4.68 2.35 -2.62
CA ASP A 11 6.13 2.22 -2.72
C ASP A 11 6.81 2.66 -1.43
N VAL A 12 6.19 3.61 -0.73
CA VAL A 12 6.74 4.11 0.53
C VAL A 12 6.02 3.50 1.72
N MET A 13 4.76 3.10 1.51
CA MET A 13 3.97 2.50 2.57
C MET A 13 3.90 0.99 2.41
N THR A 14 4.99 0.40 1.90
CA THR A 14 5.05 -1.05 1.70
C THR A 14 5.51 -1.77 2.95
N VAL A 15 5.85 -0.98 3.98
CA VAL A 15 6.30 -1.55 5.24
C VAL A 15 5.15 -1.73 6.22
N ILE A 16 3.94 -1.42 5.76
CA ILE A 16 2.74 -1.55 6.59
C ILE A 16 1.56 -2.05 5.78
N SER A 17 1.81 -2.36 4.50
CA SER A 17 0.76 -2.84 3.62
C SER A 17 0.83 -4.36 3.47
N PRO A 18 1.89 -4.84 2.81
CA PRO A 18 2.10 -6.28 2.59
C PRO A 18 2.45 -7.02 3.89
N PRO A 19 3.06 -6.30 4.84
CA PRO A 19 3.46 -6.86 6.12
C PRO A 19 2.26 -7.18 7.02
N GLU A 20 1.11 -6.61 6.67
CA GLU A 20 -0.11 -6.83 7.43
C GLU A 20 -0.77 -8.15 7.03
N PHE A 21 -0.42 -8.65 5.85
CA PHE A 21 -0.97 -9.90 5.34
C PHE A 21 -0.69 -11.04 6.31
N GLY A 22 0.46 -10.99 6.97
CA GLY A 22 0.84 -12.02 7.90
C GLY A 22 0.76 -13.41 7.30
N TRP A 1 -14.76 3.95 -10.29
CA TRP A 1 -14.59 4.37 -8.90
C TRP A 1 -13.41 3.65 -8.26
N ARG A 2 -12.21 3.98 -8.69
CA ARG A 2 -11.00 3.36 -8.15
C ARG A 2 -10.08 4.39 -7.53
N PRO A 3 -9.19 3.96 -6.62
CA PRO A 3 -8.24 4.83 -5.95
C PRO A 3 -7.15 5.34 -6.89
N TYR A 4 -6.51 6.44 -6.50
CA TYR A 4 -5.45 7.03 -7.31
C TYR A 4 -4.24 7.38 -6.45
N LEU A 5 -4.43 8.30 -5.52
CA LEU A 5 -3.35 8.73 -4.63
C LEU A 5 -3.19 7.77 -3.46
N GLN A 6 -4.28 7.05 -3.14
CA GLN A 6 -4.25 6.10 -2.04
C GLN A 6 -3.13 5.08 -2.23
N THR A 7 -3.10 4.45 -3.40
CA THR A 7 -2.08 3.46 -3.71
C THR A 7 -0.67 4.08 -3.67
N GLU A 8 -0.58 5.34 -4.05
CA GLU A 8 0.69 6.05 -4.05
C GLU A 8 1.39 5.93 -2.70
N TYR A 9 0.59 5.80 -1.64
CA TYR A 9 1.13 5.68 -0.29
C TYR A 9 1.54 4.24 0.00
N TYR A 10 0.67 3.30 -0.34
CA TYR A 10 0.94 1.89 -0.11
C TYR A 10 2.16 1.43 -0.90
N ASP A 11 2.39 2.07 -2.05
CA ASP A 11 3.53 1.72 -2.90
C ASP A 11 4.84 1.87 -2.14
N VAL A 12 4.96 2.98 -1.41
CA VAL A 12 6.17 3.25 -0.63
C VAL A 12 6.12 2.54 0.73
N MET A 13 4.92 2.30 1.21
CA MET A 13 4.73 1.63 2.49
C MET A 13 4.35 0.17 2.29
N THR A 14 4.87 -0.44 1.24
CA THR A 14 4.59 -1.84 0.94
C THR A 14 5.53 -2.77 1.67
N VAL A 15 6.49 -2.19 2.39
CA VAL A 15 7.46 -2.96 3.15
C VAL A 15 7.02 -3.15 4.59
N ILE A 16 5.81 -2.67 4.90
CA ILE A 16 5.27 -2.78 6.25
C ILE A 16 3.77 -3.05 6.21
N SER A 17 3.23 -3.19 5.00
CA SER A 17 1.81 -3.46 4.83
C SER A 17 1.55 -4.94 4.59
N PRO A 18 1.98 -5.43 3.41
CA PRO A 18 1.81 -6.83 3.03
C PRO A 18 2.69 -7.77 3.86
N PRO A 19 3.82 -7.25 4.35
CA PRO A 19 4.75 -8.02 5.16
C PRO A 19 4.20 -8.35 6.55
N GLU A 20 3.15 -7.63 6.93
CA GLU A 20 2.52 -7.84 8.23
C GLU A 20 1.55 -9.02 8.18
N PHE A 21 1.12 -9.37 6.98
CA PHE A 21 0.19 -10.48 6.79
C PHE A 21 0.77 -11.77 7.35
N GLY A 22 2.09 -11.92 7.24
CA GLY A 22 2.74 -13.12 7.74
C GLY A 22 2.12 -14.39 7.22
N TRP A 1 -13.86 3.64 -4.72
CA TRP A 1 -13.87 2.87 -5.97
C TRP A 1 -12.96 3.53 -7.01
N ARG A 2 -11.94 4.25 -6.54
CA ARG A 2 -11.01 4.92 -7.42
C ARG A 2 -9.57 4.48 -7.15
N PRO A 3 -9.25 3.24 -7.56
CA PRO A 3 -7.92 2.67 -7.37
C PRO A 3 -6.86 3.34 -8.24
N TYR A 4 -6.40 4.50 -7.80
CA TYR A 4 -5.38 5.25 -8.54
C TYR A 4 -4.31 5.79 -7.61
N LEU A 5 -4.71 6.70 -6.72
CA LEU A 5 -3.77 7.29 -5.76
C LEU A 5 -3.53 6.35 -4.59
N GLN A 6 -4.50 5.47 -4.32
CA GLN A 6 -4.39 4.52 -3.23
C GLN A 6 -3.07 3.76 -3.30
N THR A 7 -2.77 3.20 -4.46
CA THR A 7 -1.54 2.45 -4.66
C THR A 7 -0.32 3.35 -4.57
N GLU A 8 -0.48 4.60 -4.98
CA GLU A 8 0.61 5.57 -4.95
C GLU A 8 1.18 5.70 -3.54
N TYR A 9 0.32 5.50 -2.54
CA TYR A 9 0.73 5.59 -1.15
C TYR A 9 1.31 4.26 -0.66
N TYR A 10 0.64 3.17 -1.00
CA TYR A 10 1.09 1.84 -0.59
C TYR A 10 2.45 1.53 -1.19
N ASP A 11 2.74 2.12 -2.34
CA ASP A 11 4.02 1.90 -3.01
C ASP A 11 5.19 2.22 -2.08
N VAL A 12 5.07 3.32 -1.35
CA VAL A 12 6.12 3.73 -0.42
C VAL A 12 5.90 3.10 0.96
N MET A 13 4.66 2.77 1.27
CA MET A 13 4.32 2.16 2.55
C MET A 13 4.11 0.66 2.40
N THR A 14 4.86 0.05 1.49
CA THR A 14 4.75 -1.39 1.25
C THR A 14 5.65 -2.17 2.20
N VAL A 15 6.42 -1.45 3.01
CA VAL A 15 7.32 -2.08 3.97
C VAL A 15 6.65 -2.23 5.34
N ILE A 16 5.38 -1.85 5.41
CA ILE A 16 4.63 -1.94 6.66
C ILE A 16 3.19 -2.36 6.40
N SER A 17 2.87 -2.64 5.13
CA SER A 17 1.52 -3.05 4.75
C SER A 17 1.44 -4.57 4.58
N PRO A 18 2.12 -5.07 3.54
CA PRO A 18 2.14 -6.51 3.23
C PRO A 18 2.94 -7.30 4.26
N PRO A 19 3.93 -6.65 4.88
CA PRO A 19 4.77 -7.27 5.90
C PRO A 19 4.03 -7.56 7.19
N GLU A 20 2.87 -6.93 7.35
CA GLU A 20 2.05 -7.13 8.55
C GLU A 20 1.20 -8.38 8.43
N PHE A 21 0.99 -8.82 7.19
CA PHE A 21 0.18 -10.01 6.93
C PHE A 21 0.77 -11.23 7.64
N GLY A 22 2.09 -11.24 7.79
CA GLY A 22 2.76 -12.35 8.45
C GLY A 22 2.37 -13.69 7.86
N TRP A 1 -13.64 6.97 -4.83
CA TRP A 1 -12.43 6.46 -4.21
C TRP A 1 -12.02 5.13 -4.83
N ARG A 2 -11.49 5.18 -6.05
CA ARG A 2 -11.06 3.97 -6.75
C ARG A 2 -9.56 3.75 -6.57
N PRO A 3 -9.11 2.50 -6.81
CA PRO A 3 -7.70 2.14 -6.69
C PRO A 3 -6.84 2.76 -7.78
N TYR A 4 -6.35 3.97 -7.52
CA TYR A 4 -5.51 4.67 -8.48
C TYR A 4 -4.34 5.36 -7.79
N LEU A 5 -4.66 6.36 -6.97
CA LEU A 5 -3.63 7.10 -6.24
C LEU A 5 -3.14 6.31 -5.03
N GLN A 6 -3.99 5.41 -4.54
CA GLN A 6 -3.65 4.59 -3.38
C GLN A 6 -2.32 3.86 -3.61
N THR A 7 -2.25 3.09 -4.69
CA THR A 7 -1.05 2.34 -5.02
C THR A 7 0.16 3.27 -5.14
N GLU A 8 -0.09 4.53 -5.49
CA GLU A 8 0.97 5.51 -5.64
C GLU A 8 1.63 5.80 -4.29
N TYR A 9 0.95 5.42 -3.21
CA TYR A 9 1.47 5.64 -1.87
C TYR A 9 2.08 4.36 -1.30
N TYR A 10 1.70 3.23 -1.87
CA TYR A 10 2.20 1.94 -1.42
C TYR A 10 3.73 1.94 -1.37
N ASP A 11 4.35 2.63 -2.32
CA ASP A 11 5.80 2.71 -2.37
C ASP A 11 6.37 3.17 -1.03
N VAL A 12 5.61 4.00 -0.32
CA VAL A 12 6.04 4.51 0.97
C VAL A 12 5.34 3.76 2.12
N MET A 13 4.17 3.21 1.83
CA MET A 13 3.40 2.47 2.83
C MET A 13 3.54 0.97 2.62
N THR A 14 4.72 0.55 2.17
CA THR A 14 4.98 -0.86 1.93
C THR A 14 5.47 -1.56 3.19
N VAL A 15 5.66 -0.78 4.25
CA VAL A 15 6.12 -1.32 5.53
C VAL A 15 4.94 -1.68 6.43
N ILE A 16 3.73 -1.51 5.91
CA ILE A 16 2.53 -1.82 6.67
C ILE A 16 1.46 -2.45 5.78
N SER A 17 1.81 -2.68 4.51
CA SER A 17 0.88 -3.27 3.56
C SER A 17 1.16 -4.75 3.39
N PRO A 18 2.30 -5.08 2.77
CA PRO A 18 2.71 -6.47 2.53
C PRO A 18 3.08 -7.19 3.82
N PRO A 19 3.55 -6.43 4.81
CA PRO A 19 3.94 -6.98 6.12
C PRO A 19 2.75 -7.48 6.92
N GLU A 20 1.56 -7.06 6.53
CA GLU A 20 0.34 -7.46 7.22
C GLU A 20 -0.12 -8.84 6.75
N PHE A 21 0.36 -9.25 5.57
CA PHE A 21 0.00 -10.55 5.01
C PHE A 21 0.41 -11.68 5.95
N GLY A 22 1.41 -11.43 6.78
CA GLY A 22 1.88 -12.43 7.72
C GLY A 22 0.75 -13.01 8.56
N TRP A 1 -12.07 2.41 -4.33
CA TRP A 1 -12.07 1.56 -5.51
C TRP A 1 -11.23 2.17 -6.63
N ARG A 2 -10.12 1.53 -6.95
CA ARG A 2 -9.22 2.02 -7.99
C ARG A 2 -8.83 3.47 -7.75
N PRO A 3 -8.04 3.69 -6.69
CA PRO A 3 -7.59 5.04 -6.32
C PRO A 3 -6.58 5.61 -7.31
N TYR A 4 -5.99 6.75 -6.98
CA TYR A 4 -5.01 7.39 -7.85
C TYR A 4 -3.80 7.86 -7.04
N LEU A 5 -4.04 8.80 -6.12
CA LEU A 5 -2.97 9.34 -5.29
C LEU A 5 -2.70 8.43 -4.09
N GLN A 6 -3.70 7.64 -3.71
CA GLN A 6 -3.56 6.73 -2.59
C GLN A 6 -2.40 5.77 -2.80
N THR A 7 -2.39 5.10 -3.95
CA THR A 7 -1.33 4.16 -4.28
C THR A 7 0.03 4.84 -4.31
N GLU A 8 0.04 6.11 -4.73
CA GLU A 8 1.28 6.88 -4.81
C GLU A 8 2.02 6.84 -3.48
N TYR A 9 1.27 6.71 -2.39
CA TYR A 9 1.85 6.67 -1.06
C TYR A 9 2.08 5.23 -0.60
N TYR A 10 1.07 4.39 -0.82
CA TYR A 10 1.16 2.99 -0.43
C TYR A 10 2.40 2.33 -1.02
N ASP A 11 2.77 2.77 -2.22
CA ASP A 11 3.95 2.22 -2.91
C ASP A 11 5.18 2.29 -2.00
N VAL A 12 5.25 3.34 -1.19
CA VAL A 12 6.38 3.53 -0.29
C VAL A 12 6.16 2.77 1.02
N MET A 13 4.90 2.63 1.41
CA MET A 13 4.56 1.92 2.64
C MET A 13 4.05 0.51 2.34
N THR A 14 4.61 -0.09 1.29
CA THR A 14 4.21 -1.45 0.89
C THR A 14 5.01 -2.50 1.66
N VAL A 15 5.96 -2.04 2.47
CA VAL A 15 6.79 -2.94 3.25
C VAL A 15 6.21 -3.17 4.64
N ILE A 16 5.04 -2.59 4.89
CA ILE A 16 4.38 -2.72 6.17
C ILE A 16 2.86 -2.83 6.00
N SER A 17 2.42 -2.87 4.74
CA SER A 17 1.00 -2.97 4.45
C SER A 17 0.62 -4.42 4.10
N PRO A 18 1.10 -4.89 2.94
CA PRO A 18 0.83 -6.25 2.47
C PRO A 18 1.54 -7.31 3.30
N PRO A 19 2.67 -6.92 3.90
CA PRO A 19 3.48 -7.82 4.74
C PRO A 19 2.78 -8.15 6.06
N GLU A 20 1.78 -7.35 6.41
CA GLU A 20 1.03 -7.56 7.65
C GLU A 20 -0.06 -8.62 7.46
N PHE A 21 -0.44 -8.84 6.20
CA PHE A 21 -1.48 -9.82 5.89
C PHE A 21 -1.08 -11.21 6.38
N GLY A 22 0.22 -11.49 6.34
CA GLY A 22 0.70 -12.78 6.79
C GLY A 22 -0.02 -13.94 6.14
N TRP A 1 -15.80 3.41 -7.76
CA TRP A 1 -14.70 4.10 -7.10
C TRP A 1 -13.50 4.25 -8.04
N ARG A 2 -12.48 4.95 -7.59
CA ARG A 2 -11.28 5.17 -8.39
C ARG A 2 -10.15 5.72 -7.52
N PRO A 3 -9.57 4.85 -6.68
CA PRO A 3 -8.47 5.22 -5.79
C PRO A 3 -7.18 5.48 -6.55
N TYR A 4 -6.94 6.75 -6.88
CA TYR A 4 -5.74 7.14 -7.63
C TYR A 4 -4.57 7.32 -6.67
N LEU A 5 -4.86 7.78 -5.45
CA LEU A 5 -3.83 8.01 -4.46
C LEU A 5 -3.85 6.91 -3.39
N GLN A 6 -5.04 6.40 -3.11
CA GLN A 6 -5.20 5.34 -2.11
C GLN A 6 -4.24 4.19 -2.38
N THR A 7 -4.13 3.81 -3.66
CA THR A 7 -3.25 2.71 -4.05
C THR A 7 -1.83 3.21 -4.28
N GLU A 8 -1.70 4.47 -4.65
CA GLU A 8 -0.39 5.07 -4.90
C GLU A 8 0.40 5.21 -3.60
N TYR A 9 -0.31 5.45 -2.51
CA TYR A 9 0.32 5.61 -1.20
C TYR A 9 0.87 4.27 -0.70
N TYR A 10 0.14 3.20 -1.00
CA TYR A 10 0.55 1.87 -0.56
C TYR A 10 1.88 1.48 -1.21
N ASP A 11 2.11 1.96 -2.43
CA ASP A 11 3.33 1.66 -3.15
C ASP A 11 4.56 2.06 -2.34
N VAL A 12 4.40 3.08 -1.50
CA VAL A 12 5.49 3.57 -0.67
C VAL A 12 5.45 2.93 0.71
N MET A 13 4.25 2.58 1.16
CA MET A 13 4.08 1.95 2.47
C MET A 13 3.88 0.45 2.33
N THR A 14 4.53 -0.14 1.33
CA THR A 14 4.41 -1.58 1.07
C THR A 14 5.43 -2.35 1.91
N VAL A 15 6.27 -1.63 2.63
CA VAL A 15 7.29 -2.25 3.48
C VAL A 15 6.79 -2.42 4.90
N ILE A 16 5.51 -2.08 5.13
CA ILE A 16 4.92 -2.21 6.45
C ILE A 16 3.46 -2.64 6.35
N SER A 17 3.01 -2.91 5.13
CA SER A 17 1.63 -3.33 4.91
C SER A 17 1.55 -4.84 4.71
N PRO A 18 2.11 -5.32 3.58
CA PRO A 18 2.11 -6.74 3.25
C PRO A 18 3.04 -7.54 4.16
N PRO A 19 4.08 -6.88 4.68
CA PRO A 19 5.06 -7.51 5.57
C PRO A 19 4.47 -7.85 6.94
N GLU A 20 3.32 -7.23 7.25
CA GLU A 20 2.65 -7.47 8.52
C GLU A 20 1.83 -8.75 8.48
N PHE A 21 1.51 -9.20 7.27
CA PHE A 21 0.72 -10.42 7.09
C PHE A 21 1.42 -11.61 7.73
N GLY A 22 2.75 -11.61 7.70
CA GLY A 22 3.51 -12.71 8.27
C GLY A 22 3.04 -14.06 7.78
N TRP A 1 -10.36 13.12 -11.34
CA TRP A 1 -10.60 12.73 -9.95
C TRP A 1 -9.47 11.84 -9.43
N ARG A 2 -8.86 11.10 -10.34
CA ARG A 2 -7.76 10.20 -9.97
C ARG A 2 -8.22 9.19 -8.92
N PRO A 3 -9.05 8.23 -9.35
CA PRO A 3 -9.59 7.19 -8.47
C PRO A 3 -8.50 6.21 -8.02
N TYR A 4 -8.93 5.12 -7.38
CA TYR A 4 -7.99 4.11 -6.90
C TYR A 4 -7.10 4.66 -5.81
N LEU A 5 -7.14 4.04 -4.64
CA LEU A 5 -6.32 4.46 -3.50
C LEU A 5 -6.01 3.30 -2.58
N GLN A 6 -7.01 2.44 -2.35
CA GLN A 6 -6.85 1.29 -1.48
C GLN A 6 -5.60 0.50 -1.86
N THR A 7 -5.41 0.30 -3.17
CA THR A 7 -4.26 -0.45 -3.66
C THR A 7 -3.09 0.48 -3.94
N GLU A 8 -3.38 1.72 -4.31
CA GLU A 8 -2.34 2.70 -4.60
C GLU A 8 -1.60 3.09 -3.33
N TYR A 9 -2.22 2.86 -2.18
CA TYR A 9 -1.60 3.18 -0.90
C TYR A 9 -0.68 2.05 -0.44
N TYR A 10 -1.08 0.81 -0.69
CA TYR A 10 -0.29 -0.34 -0.31
C TYR A 10 1.11 -0.27 -0.91
N ASP A 11 1.22 0.38 -2.06
CA ASP A 11 2.49 0.52 -2.75
C ASP A 11 3.45 1.39 -1.94
N VAL A 12 2.93 2.49 -1.40
CA VAL A 12 3.74 3.41 -0.61
C VAL A 12 3.94 2.88 0.80
N MET A 13 2.97 2.10 1.28
CA MET A 13 3.05 1.53 2.62
C MET A 13 3.46 0.07 2.56
N THR A 14 4.30 -0.27 1.59
CA THR A 14 4.77 -1.64 1.43
C THR A 14 6.00 -1.91 2.30
N VAL A 15 6.48 -0.87 2.98
CA VAL A 15 7.63 -0.99 3.85
C VAL A 15 7.22 -1.30 5.28
N ILE A 16 5.91 -1.48 5.49
CA ILE A 16 5.39 -1.78 6.82
C ILE A 16 4.23 -2.76 6.73
N SER A 17 3.94 -3.23 5.53
CA SER A 17 2.85 -4.18 5.31
C SER A 17 3.39 -5.60 5.20
N PRO A 18 4.10 -5.87 4.10
CA PRO A 18 4.68 -7.20 3.84
C PRO A 18 5.83 -7.51 4.78
N PRO A 19 6.51 -6.47 5.27
CA PRO A 19 7.65 -6.62 6.19
C PRO A 19 7.21 -7.09 7.56
N GLU A 20 5.92 -6.98 7.85
CA GLU A 20 5.38 -7.38 9.14
C GLU A 20 5.13 -8.89 9.16
N PHE A 21 5.04 -9.49 7.98
CA PHE A 21 4.81 -10.93 7.87
C PHE A 21 5.92 -11.72 8.55
N GLY A 22 7.10 -11.11 8.64
CA GLY A 22 8.22 -11.77 9.28
C GLY A 22 7.88 -12.30 10.66
N TRP A 1 -14.68 1.88 -7.19
CA TRP A 1 -13.98 3.15 -7.09
C TRP A 1 -12.74 3.16 -7.97
N ARG A 2 -12.31 4.36 -8.36
CA ARG A 2 -11.14 4.51 -9.21
C ARG A 2 -10.04 5.29 -8.49
N PRO A 3 -9.42 4.65 -7.48
CA PRO A 3 -8.34 5.27 -6.70
C PRO A 3 -7.07 5.45 -7.51
N TYR A 4 -6.44 6.62 -7.37
CA TYR A 4 -5.20 6.92 -8.09
C TYR A 4 -4.05 7.13 -7.12
N LEU A 5 -4.36 7.65 -5.94
CA LEU A 5 -3.34 7.91 -4.93
C LEU A 5 -3.41 6.86 -3.82
N GLN A 6 -4.61 6.36 -3.56
CA GLN A 6 -4.81 5.35 -2.53
C GLN A 6 -3.84 4.19 -2.70
N THR A 7 -3.69 3.74 -3.95
CA THR A 7 -2.79 2.63 -4.25
C THR A 7 -1.34 3.11 -4.36
N GLU A 8 -1.16 4.39 -4.70
CA GLU A 8 0.16 4.96 -4.83
C GLU A 8 0.86 5.07 -3.47
N TYR A 9 0.10 5.51 -2.47
CA TYR A 9 0.63 5.67 -1.13
C TYR A 9 1.15 4.34 -0.59
N TYR A 10 0.46 3.26 -0.96
CA TYR A 10 0.85 1.93 -0.51
C TYR A 10 2.19 1.51 -1.11
N ASP A 11 2.51 2.08 -2.26
CA ASP A 11 3.76 1.76 -2.94
C ASP A 11 4.95 2.11 -2.06
N VAL A 12 4.81 3.16 -1.26
CA VAL A 12 5.88 3.59 -0.36
C VAL A 12 5.76 2.92 1.01
N MET A 13 4.52 2.56 1.37
CA MET A 13 4.27 1.92 2.65
C MET A 13 4.07 0.41 2.46
N THR A 14 4.76 -0.16 1.50
CA THR A 14 4.66 -1.59 1.21
C THR A 14 5.61 -2.40 2.09
N VAL A 15 6.42 -1.69 2.88
CA VAL A 15 7.37 -2.34 3.77
C VAL A 15 6.79 -2.54 5.16
N ILE A 16 5.52 -2.18 5.32
CA ILE A 16 4.83 -2.31 6.60
C ILE A 16 3.39 -2.74 6.41
N SER A 17 3.01 -2.99 5.16
CA SER A 17 1.64 -3.39 4.83
C SER A 17 1.57 -4.90 4.62
N PRO A 18 2.18 -5.37 3.53
CA PRO A 18 2.20 -6.79 3.18
C PRO A 18 3.07 -7.61 4.13
N PRO A 19 4.08 -6.97 4.72
CA PRO A 19 5.00 -7.61 5.67
C PRO A 19 4.31 -7.96 6.99
N GLU A 20 3.16 -7.34 7.23
CA GLU A 20 2.42 -7.58 8.46
C GLU A 20 1.59 -8.86 8.36
N PHE A 21 1.34 -9.30 7.12
CA PHE A 21 0.55 -10.50 6.88
C PHE A 21 1.20 -11.71 7.55
N GLY A 22 2.53 -11.72 7.59
CA GLY A 22 3.24 -12.82 8.20
C GLY A 22 2.80 -14.17 7.66
N TRP A 1 -14.89 7.97 -8.27
CA TRP A 1 -13.48 8.16 -8.57
C TRP A 1 -12.66 6.96 -8.13
N ARG A 2 -12.07 6.25 -9.09
CA ARG A 2 -11.25 5.08 -8.79
C ARG A 2 -10.15 5.43 -7.80
N PRO A 3 -9.60 4.40 -7.14
CA PRO A 3 -8.53 4.56 -6.16
C PRO A 3 -7.21 4.99 -6.80
N TYR A 4 -6.95 6.29 -6.81
CA TYR A 4 -5.72 6.82 -7.40
C TYR A 4 -4.64 6.99 -6.34
N LEU A 5 -5.06 7.31 -5.12
CA LEU A 5 -4.13 7.50 -4.02
C LEU A 5 -4.16 6.31 -3.07
N GLN A 6 -5.33 5.70 -2.93
CA GLN A 6 -5.49 4.55 -2.05
C GLN A 6 -4.44 3.48 -2.34
N THR A 7 -4.21 3.23 -3.63
CA THR A 7 -3.23 2.23 -4.05
C THR A 7 -1.83 2.83 -4.11
N GLU A 8 -1.76 4.13 -4.36
CA GLU A 8 -0.48 4.83 -4.43
C GLU A 8 0.20 4.89 -3.07
N TYR A 9 -0.62 4.99 -2.03
CA TYR A 9 -0.10 5.07 -0.66
C TYR A 9 0.49 3.73 -0.24
N TYR A 10 -0.13 2.64 -0.67
CA TYR A 10 0.34 1.30 -0.34
C TYR A 10 1.73 1.04 -0.90
N ASP A 11 2.04 1.73 -2.00
CA ASP A 11 3.36 1.58 -2.64
C ASP A 11 4.47 2.01 -1.69
N VAL A 12 4.29 3.18 -1.08
CA VAL A 12 5.28 3.71 -0.16
C VAL A 12 5.23 2.99 1.20
N MET A 13 4.06 2.48 1.52
CA MET A 13 3.87 1.76 2.78
C MET A 13 3.86 0.25 2.55
N THR A 14 4.65 -0.20 1.58
CA THR A 14 4.73 -1.62 1.27
C THR A 14 5.76 -2.32 2.13
N VAL A 15 6.46 -1.55 2.96
CA VAL A 15 7.49 -2.09 3.84
C VAL A 15 6.90 -2.42 5.22
N ILE A 16 5.60 -2.23 5.36
CA ILE A 16 4.92 -2.50 6.62
C ILE A 16 3.53 -3.11 6.38
N SER A 17 3.21 -3.35 5.11
CA SER A 17 1.92 -3.92 4.75
C SER A 17 2.05 -5.41 4.48
N PRO A 18 2.73 -5.77 3.38
CA PRO A 18 2.94 -7.17 3.00
C PRO A 18 3.88 -7.90 3.94
N PRO A 19 4.80 -7.14 4.57
CA PRO A 19 5.78 -7.70 5.50
C PRO A 19 5.13 -8.17 6.81
N GLU A 20 3.91 -7.72 7.05
CA GLU A 20 3.18 -8.09 8.26
C GLU A 20 2.52 -9.45 8.09
N PHE A 21 2.35 -9.88 6.84
CA PHE A 21 1.73 -11.16 6.56
C PHE A 21 2.51 -12.31 7.19
N GLY A 22 3.83 -12.14 7.26
CA GLY A 22 4.68 -13.18 7.85
C GLY A 22 4.42 -14.54 7.26
N TRP A 1 -15.32 6.80 -8.90
CA TRP A 1 -14.01 6.70 -9.51
C TRP A 1 -13.13 5.71 -8.75
N ARG A 2 -12.00 5.33 -9.35
CA ARG A 2 -11.08 4.39 -8.73
C ARG A 2 -10.08 5.12 -7.85
N PRO A 3 -9.45 4.38 -6.92
CA PRO A 3 -8.46 4.93 -5.99
C PRO A 3 -7.17 5.33 -6.69
N TYR A 4 -6.82 6.61 -6.61
CA TYR A 4 -5.61 7.12 -7.22
C TYR A 4 -4.50 7.30 -6.20
N LEU A 5 -4.89 7.64 -4.97
CA LEU A 5 -3.93 7.85 -3.89
C LEU A 5 -3.95 6.68 -2.92
N GLN A 6 -5.12 6.07 -2.74
CA GLN A 6 -5.27 4.94 -1.85
C GLN A 6 -4.23 3.86 -2.15
N THR A 7 -4.03 3.59 -3.44
CA THR A 7 -3.07 2.58 -3.86
C THR A 7 -1.67 3.16 -3.97
N GLU A 8 -1.59 4.46 -4.23
CA GLU A 8 -0.30 5.14 -4.35
C GLU A 8 0.41 5.21 -3.01
N TYR A 9 -0.38 5.35 -1.94
CA TYR A 9 0.18 5.44 -0.60
C TYR A 9 0.76 4.10 -0.16
N TYR A 10 0.12 3.01 -0.57
CA TYR A 10 0.59 1.68 -0.22
C TYR A 10 1.97 1.41 -0.83
N ASP A 11 2.24 2.03 -1.97
CA ASP A 11 3.52 1.85 -2.64
C ASP A 11 4.68 2.23 -1.72
N VAL A 12 4.49 3.30 -0.94
CA VAL A 12 5.52 3.76 -0.02
C VAL A 12 5.44 3.00 1.31
N MET A 13 4.25 2.52 1.64
CA MET A 13 4.04 1.79 2.88
C MET A 13 3.95 0.28 2.61
N THR A 14 4.70 -0.18 1.61
CA THR A 14 4.70 -1.59 1.24
C THR A 14 5.72 -2.37 2.08
N VAL A 15 6.46 -1.66 2.91
CA VAL A 15 7.47 -2.29 3.76
C VAL A 15 6.88 -2.63 5.13
N ILE A 16 5.59 -2.38 5.30
CA ILE A 16 4.92 -2.66 6.56
C ILE A 16 3.51 -3.18 6.33
N SER A 17 3.16 -3.36 5.06
CA SER A 17 1.83 -3.85 4.71
C SER A 17 1.87 -5.33 4.39
N PRO A 18 2.52 -5.69 3.26
CA PRO A 18 2.65 -7.09 2.83
C PRO A 18 3.57 -7.90 3.73
N PRO A 19 4.53 -7.21 4.36
CA PRO A 19 5.49 -7.85 5.27
C PRO A 19 4.84 -8.33 6.57
N GLU A 20 3.65 -7.82 6.84
CA GLU A 20 2.91 -8.20 8.05
C GLU A 20 2.19 -9.52 7.86
N PHE A 21 1.97 -9.88 6.60
CA PHE A 21 1.27 -11.12 6.27
C PHE A 21 2.01 -12.32 6.87
N GLY A 22 3.33 -12.23 6.95
CA GLY A 22 4.13 -13.31 7.50
C GLY A 22 3.83 -14.64 6.84
N TRP A 1 -10.27 13.93 -11.05
CA TRP A 1 -10.76 12.56 -11.07
C TRP A 1 -9.63 11.56 -10.90
N ARG A 2 -9.07 11.50 -9.69
CA ARG A 2 -7.97 10.59 -9.40
C ARG A 2 -8.41 9.51 -8.41
N PRO A 3 -9.21 8.55 -8.88
CA PRO A 3 -9.70 7.45 -8.04
C PRO A 3 -8.60 6.47 -7.66
N TYR A 4 -9.00 5.37 -7.04
CA TYR A 4 -8.04 4.35 -6.62
C TYR A 4 -7.12 4.88 -5.52
N LEU A 5 -7.15 4.22 -4.37
CA LEU A 5 -6.31 4.63 -3.23
C LEU A 5 -5.98 3.43 -2.34
N GLN A 6 -6.98 2.57 -2.13
CA GLN A 6 -6.79 1.39 -1.30
C GLN A 6 -5.54 0.62 -1.72
N THR A 7 -5.37 0.46 -3.03
CA THR A 7 -4.22 -0.26 -3.57
C THR A 7 -3.05 0.68 -3.82
N GLU A 8 -3.36 1.93 -4.15
CA GLU A 8 -2.34 2.93 -4.43
C GLU A 8 -1.58 3.29 -3.17
N TYR A 9 -2.17 3.01 -2.01
CA TYR A 9 -1.55 3.30 -0.72
C TYR A 9 -0.61 2.18 -0.31
N TYR A 10 -1.00 0.94 -0.60
CA TYR A 10 -0.20 -0.22 -0.26
C TYR A 10 1.19 -0.12 -0.87
N ASP A 11 1.26 0.45 -2.07
CA ASP A 11 2.51 0.60 -2.77
C ASP A 11 3.49 1.45 -1.96
N VAL A 12 3.02 2.58 -1.46
CA VAL A 12 3.85 3.47 -0.65
C VAL A 12 4.03 2.93 0.76
N MET A 13 3.04 2.17 1.23
CA MET A 13 3.08 1.59 2.57
C MET A 13 3.46 0.13 2.51
N THR A 14 4.31 -0.23 1.56
CA THR A 14 4.76 -1.61 1.39
C THR A 14 5.97 -1.91 2.27
N VAL A 15 6.46 -0.88 2.96
CA VAL A 15 7.61 -1.04 3.84
C VAL A 15 7.17 -1.31 5.27
N ILE A 16 5.87 -1.45 5.47
CA ILE A 16 5.32 -1.72 6.80
C ILE A 16 4.14 -2.67 6.72
N SER A 17 3.86 -3.16 5.51
CA SER A 17 2.75 -4.09 5.31
C SER A 17 3.25 -5.52 5.21
N PRO A 18 3.98 -5.82 4.12
CA PRO A 18 4.54 -7.15 3.87
C PRO A 18 5.67 -7.49 4.84
N PRO A 19 6.37 -6.45 5.32
CA PRO A 19 7.48 -6.62 6.26
C PRO A 19 7.02 -7.07 7.64
N GLU A 20 5.72 -6.92 7.90
CA GLU A 20 5.16 -7.31 9.18
C GLU A 20 4.88 -8.82 9.22
N PHE A 21 4.78 -9.42 8.04
CA PHE A 21 4.52 -10.85 7.93
C PHE A 21 5.59 -11.66 8.65
N GLY A 22 6.82 -11.15 8.64
CA GLY A 22 7.92 -11.83 9.30
C GLY A 22 8.04 -13.28 8.86
N TRP A 1 -15.20 9.57 -12.85
CA TRP A 1 -14.35 9.77 -11.68
C TRP A 1 -13.68 8.48 -11.26
N ARG A 2 -12.44 8.29 -11.69
CA ARG A 2 -11.69 7.08 -11.36
C ARG A 2 -10.39 7.43 -10.63
N PRO A 3 -10.53 7.89 -9.38
CA PRO A 3 -9.38 8.27 -8.55
C PRO A 3 -8.55 7.06 -8.12
N TYR A 4 -7.40 7.33 -7.51
CA TYR A 4 -6.51 6.27 -7.06
C TYR A 4 -5.45 6.82 -6.12
N LEU A 5 -5.39 6.25 -4.91
CA LEU A 5 -4.42 6.68 -3.91
C LEU A 5 -4.17 5.58 -2.88
N GLN A 6 -5.25 4.92 -2.47
CA GLN A 6 -5.16 3.85 -1.49
C GLN A 6 -4.08 2.84 -1.88
N THR A 7 -4.10 2.42 -3.14
CA THR A 7 -3.13 1.45 -3.64
C THR A 7 -1.78 2.12 -3.89
N GLU A 8 -1.80 3.43 -4.11
CA GLU A 8 -0.58 4.18 -4.36
C GLU A 8 0.16 4.48 -3.05
N TYR A 9 -0.56 4.40 -1.95
CA TYR A 9 0.02 4.66 -0.63
C TYR A 9 0.63 3.39 -0.04
N TYR A 10 0.06 2.25 -0.40
CA TYR A 10 0.55 0.97 0.09
C TYR A 10 1.95 0.68 -0.43
N ASP A 11 2.23 1.15 -1.65
CA ASP A 11 3.53 0.94 -2.27
C ASP A 11 4.64 1.52 -1.40
N VAL A 12 4.36 2.66 -0.76
CA VAL A 12 5.34 3.32 0.10
C VAL A 12 5.43 2.62 1.45
N MET A 13 4.31 2.08 1.91
CA MET A 13 4.27 1.38 3.19
C MET A 13 4.28 -0.14 2.99
N THR A 14 4.97 -0.59 1.94
CA THR A 14 5.07 -2.00 1.64
C THR A 14 6.20 -2.66 2.42
N VAL A 15 6.95 -1.86 3.15
CA VAL A 15 8.08 -2.36 3.93
C VAL A 15 7.64 -2.68 5.36
N ILE A 16 6.34 -2.54 5.63
CA ILE A 16 5.80 -2.81 6.95
C ILE A 16 4.42 -3.44 6.86
N SER A 17 3.97 -3.70 5.63
CA SER A 17 2.67 -4.31 5.41
C SER A 17 2.80 -5.81 5.13
N PRO A 18 3.38 -6.15 3.98
CA PRO A 18 3.58 -7.55 3.58
C PRO A 18 4.64 -8.25 4.43
N PRO A 19 5.59 -7.47 4.95
CA PRO A 19 6.67 -7.99 5.80
C PRO A 19 6.18 -8.46 7.15
N GLU A 20 4.97 -8.04 7.52
CA GLU A 20 4.38 -8.43 8.79
C GLU A 20 3.74 -9.81 8.70
N PHE A 21 3.46 -10.25 7.48
CA PHE A 21 2.85 -11.55 7.26
C PHE A 21 3.73 -12.67 7.82
N GLY A 22 5.03 -12.40 7.90
CA GLY A 22 5.96 -13.39 8.41
C GLY A 22 5.53 -13.94 9.76
N TRP A 1 -13.94 10.79 -11.88
CA TRP A 1 -12.50 11.02 -11.93
C TRP A 1 -11.72 9.72 -11.68
N ARG A 2 -12.26 8.88 -10.80
CA ARG A 2 -11.62 7.61 -10.48
C ARG A 2 -10.17 7.82 -10.04
N PRO A 3 -9.99 8.35 -8.82
CA PRO A 3 -8.67 8.62 -8.27
C PRO A 3 -7.92 7.34 -7.92
N TYR A 4 -6.76 7.49 -7.27
CA TYR A 4 -5.95 6.33 -6.89
C TYR A 4 -5.13 6.64 -5.64
N LEU A 5 -5.36 5.86 -4.59
CA LEU A 5 -4.64 6.05 -3.33
C LEU A 5 -4.52 4.73 -2.58
N GLN A 6 -5.59 3.94 -2.59
CA GLN A 6 -5.61 2.66 -1.90
C GLN A 6 -4.37 1.83 -2.27
N THR A 7 -4.05 1.81 -3.56
CA THR A 7 -2.91 1.06 -4.05
C THR A 7 -1.64 1.92 -4.06
N GLU A 8 -1.82 3.22 -4.26
CA GLU A 8 -0.70 4.15 -4.28
C GLU A 8 -0.07 4.28 -2.91
N TYR A 9 -0.83 3.90 -1.88
CA TYR A 9 -0.35 3.99 -0.50
C TYR A 9 0.44 2.73 -0.13
N TYR A 10 -0.02 1.59 -0.61
CA TYR A 10 0.64 0.32 -0.32
C TYR A 10 2.11 0.36 -0.76
N ASP A 11 2.38 1.13 -1.81
CA ASP A 11 3.74 1.26 -2.32
C ASP A 11 4.66 1.89 -1.29
N VAL A 12 4.19 2.97 -0.68
CA VAL A 12 4.97 3.68 0.34
C VAL A 12 4.90 2.96 1.68
N MET A 13 3.81 2.23 1.90
CA MET A 13 3.62 1.50 3.15
C MET A 13 3.91 0.01 2.95
N THR A 14 4.87 -0.29 2.08
CA THR A 14 5.24 -1.66 1.81
C THR A 14 6.28 -2.17 2.80
N VAL A 15 6.73 -1.27 3.68
CA VAL A 15 7.73 -1.62 4.69
C VAL A 15 7.07 -2.05 5.99
N ILE A 16 5.75 -2.10 5.99
CA ILE A 16 5.00 -2.49 7.17
C ILE A 16 3.78 -3.33 6.80
N SER A 17 3.65 -3.64 5.51
CA SER A 17 2.53 -4.44 5.03
C SER A 17 2.95 -5.89 4.80
N PRO A 18 3.81 -6.11 3.80
CA PRO A 18 4.31 -7.44 3.46
C PRO A 18 5.27 -7.99 4.51
N PRO A 19 5.96 -7.08 5.22
CA PRO A 19 6.91 -7.44 6.27
C PRO A 19 6.22 -8.02 7.51
N GLU A 20 4.91 -7.79 7.61
CA GLU A 20 4.13 -8.29 8.74
C GLU A 20 3.76 -9.77 8.54
N PHE A 21 3.81 -10.22 7.29
CA PHE A 21 3.47 -11.59 6.96
C PHE A 21 4.38 -12.56 7.70
N GLY A 22 5.58 -12.10 8.05
CA GLY A 22 6.53 -12.94 8.75
C GLY A 22 5.93 -13.58 9.99
N TRP A 1 -11.46 11.59 -12.74
CA TRP A 1 -12.28 10.47 -12.32
C TRP A 1 -11.42 9.32 -11.80
N ARG A 2 -11.59 9.01 -10.51
CA ARG A 2 -10.81 7.94 -9.89
C ARG A 2 -9.32 8.14 -10.10
N PRO A 3 -8.74 9.12 -9.39
CA PRO A 3 -7.31 9.43 -9.49
C PRO A 3 -6.44 8.34 -8.90
N TYR A 4 -7.04 7.48 -8.08
CA TYR A 4 -6.31 6.39 -7.44
C TYR A 4 -5.29 6.93 -6.44
N LEU A 5 -5.38 6.45 -5.20
CA LEU A 5 -4.47 6.89 -4.15
C LEU A 5 -4.28 5.79 -3.10
N GLN A 6 -5.38 5.12 -2.75
CA GLN A 6 -5.33 4.05 -1.76
C GLN A 6 -4.25 3.03 -2.12
N THR A 7 -4.25 2.60 -3.39
CA THR A 7 -3.27 1.63 -3.86
C THR A 7 -1.91 2.28 -4.09
N GLU A 8 -1.91 3.59 -4.32
CA GLU A 8 -0.68 4.33 -4.55
C GLU A 8 0.04 4.61 -3.23
N TYR A 9 -0.71 4.55 -2.14
CA TYR A 9 -0.15 4.81 -0.82
C TYR A 9 0.45 3.54 -0.21
N TYR A 10 -0.14 2.40 -0.56
CA TYR A 10 0.32 1.11 -0.06
C TYR A 10 1.73 0.81 -0.55
N ASP A 11 2.06 1.33 -1.73
CA ASP A 11 3.38 1.12 -2.32
C ASP A 11 4.48 1.69 -1.42
N VAL A 12 4.20 2.84 -0.81
CA VAL A 12 5.15 3.49 0.08
C VAL A 12 5.20 2.79 1.43
N MET A 13 4.07 2.24 1.85
CA MET A 13 3.97 1.55 3.13
C MET A 13 4.01 0.04 2.94
N THR A 14 4.75 -0.40 1.92
CA THR A 14 4.86 -1.83 1.64
C THR A 14 5.97 -2.47 2.46
N VAL A 15 6.69 -1.65 3.22
CA VAL A 15 7.78 -2.15 4.06
C VAL A 15 7.28 -2.46 5.46
N ILE A 16 5.98 -2.33 5.67
CA ILE A 16 5.38 -2.60 6.98
C ILE A 16 4.01 -3.25 6.83
N SER A 17 3.62 -3.52 5.59
CA SER A 17 2.33 -4.14 5.31
C SER A 17 2.49 -5.63 5.05
N PRO A 18 3.12 -5.98 3.92
CA PRO A 18 3.35 -7.37 3.54
C PRO A 18 4.37 -8.06 4.43
N PRO A 19 5.30 -7.27 4.99
CA PRO A 19 6.34 -7.78 5.88
C PRO A 19 5.79 -8.25 7.22
N GLU A 20 4.57 -7.84 7.53
CA GLU A 20 3.93 -8.22 8.78
C GLU A 20 3.30 -9.60 8.68
N PHE A 21 3.07 -10.05 7.45
CA PHE A 21 2.48 -11.36 7.21
C PHE A 21 3.34 -12.47 7.82
N GLY A 22 4.65 -12.26 7.83
CA GLY A 22 5.56 -13.25 8.38
C GLY A 22 5.34 -14.62 7.81
N TRP A 1 -11.95 13.14 -7.43
CA TRP A 1 -11.78 11.95 -8.26
C TRP A 1 -10.95 10.90 -7.55
N ARG A 2 -10.98 9.68 -8.06
CA ARG A 2 -10.22 8.58 -7.48
C ARG A 2 -10.02 7.46 -8.49
N PRO A 3 -9.22 7.73 -9.53
CA PRO A 3 -8.93 6.76 -10.59
C PRO A 3 -8.06 5.61 -10.09
N TYR A 4 -7.17 5.91 -9.15
CA TYR A 4 -6.28 4.91 -8.59
C TYR A 4 -5.68 5.38 -7.28
N LEU A 5 -5.87 4.58 -6.23
CA LEU A 5 -5.35 4.92 -4.90
C LEU A 5 -5.19 3.67 -4.05
N GLN A 6 -6.16 2.76 -4.14
CA GLN A 6 -6.13 1.52 -3.37
C GLN A 6 -4.79 0.82 -3.54
N THR A 7 -4.29 0.78 -4.78
CA THR A 7 -3.02 0.13 -5.07
C THR A 7 -1.87 1.12 -4.98
N GLU A 8 -2.15 2.39 -5.29
CA GLU A 8 -1.13 3.42 -5.23
C GLU A 8 -0.71 3.70 -3.80
N TYR A 9 -1.56 3.33 -2.85
CA TYR A 9 -1.27 3.54 -1.44
C TYR A 9 -0.39 2.42 -0.89
N TYR A 10 -0.67 1.20 -1.34
CA TYR A 10 0.10 0.03 -0.89
C TYR A 10 1.58 0.23 -1.14
N ASP A 11 1.91 0.97 -2.19
CA ASP A 11 3.30 1.23 -2.55
C ASP A 11 3.98 2.06 -1.47
N VAL A 12 3.27 3.04 -0.92
CA VAL A 12 3.80 3.90 0.12
C VAL A 12 3.70 3.23 1.49
N MET A 13 2.70 2.37 1.65
CA MET A 13 2.49 1.67 2.90
C MET A 13 3.01 0.23 2.82
N THR A 14 4.09 0.04 2.06
CA THR A 14 4.68 -1.28 1.90
C THR A 14 5.67 -1.58 3.01
N VAL A 15 5.90 -0.60 3.87
CA VAL A 15 6.83 -0.76 4.98
C VAL A 15 6.10 -1.20 6.25
N ILE A 16 4.81 -1.45 6.12
CA ILE A 16 4.00 -1.89 7.26
C ILE A 16 2.96 -2.91 6.83
N SER A 17 3.00 -3.30 5.56
CA SER A 17 2.06 -4.27 5.02
C SER A 17 2.70 -5.65 4.93
N PRO A 18 3.68 -5.79 4.02
CA PRO A 18 4.40 -7.05 3.82
C PRO A 18 5.30 -7.40 4.99
N PRO A 19 5.78 -6.37 5.70
CA PRO A 19 6.66 -6.54 6.85
C PRO A 19 5.94 -7.16 8.06
N GLU A 20 4.60 -7.13 8.01
CA GLU A 20 3.80 -7.68 9.09
C GLU A 20 3.65 -9.19 8.94
N PHE A 21 3.90 -9.69 7.73
CA PHE A 21 3.78 -11.12 7.45
C PHE A 21 4.74 -11.92 8.34
N GLY A 22 5.90 -11.33 8.63
CA GLY A 22 6.87 -12.00 9.47
C GLY A 22 7.20 -13.41 8.98
N TRP A 1 -11.98 9.29 -5.33
CA TRP A 1 -11.22 8.15 -4.86
C TRP A 1 -10.97 7.15 -5.98
N ARG A 2 -10.93 7.66 -7.22
CA ARG A 2 -10.71 6.81 -8.39
C ARG A 2 -9.44 5.98 -8.22
N PRO A 3 -9.34 4.90 -9.00
CA PRO A 3 -8.18 3.99 -8.95
C PRO A 3 -6.92 4.64 -9.51
N TYR A 4 -5.99 4.99 -8.62
CA TYR A 4 -4.74 5.63 -9.02
C TYR A 4 -3.86 5.91 -7.81
N LEU A 5 -4.49 6.25 -6.70
CA LEU A 5 -3.76 6.54 -5.47
C LEU A 5 -3.85 5.37 -4.49
N GLN A 6 -4.99 4.68 -4.51
CA GLN A 6 -5.20 3.54 -3.62
C GLN A 6 -4.04 2.55 -3.73
N THR A 7 -3.60 2.28 -4.95
CA THR A 7 -2.51 1.35 -5.19
C THR A 7 -1.16 2.05 -5.04
N GLU A 8 -1.13 3.35 -5.30
CA GLU A 8 0.09 4.13 -5.21
C GLU A 8 0.53 4.26 -3.75
N TYR A 9 -0.43 4.34 -2.84
CA TYR A 9 -0.15 4.47 -1.42
C TYR A 9 0.47 3.19 -0.87
N TYR A 10 0.00 2.05 -1.38
CA TYR A 10 0.49 0.75 -0.95
C TYR A 10 1.97 0.59 -1.27
N ASP A 11 2.40 1.23 -2.36
CA ASP A 11 3.79 1.16 -2.80
C ASP A 11 4.71 1.86 -1.79
N VAL A 12 4.21 2.94 -1.21
CA VAL A 12 4.98 3.70 -0.23
C VAL A 12 4.83 3.11 1.17
N MET A 13 3.69 2.50 1.43
CA MET A 13 3.42 1.89 2.72
C MET A 13 3.59 0.37 2.66
N THR A 14 4.53 -0.08 1.84
CA THR A 14 4.79 -1.50 1.68
C THR A 14 5.78 -2.01 2.73
N VAL A 15 6.30 -1.08 3.53
CA VAL A 15 7.25 -1.42 4.58
C VAL A 15 6.54 -1.68 5.91
N ILE A 16 5.22 -1.63 5.89
CA ILE A 16 4.42 -1.85 7.08
C ILE A 16 3.15 -2.62 6.76
N SER A 17 3.00 -3.02 5.50
CA SER A 17 1.82 -3.76 5.06
C SER A 17 2.12 -5.26 4.98
N PRO A 18 2.97 -5.63 4.01
CA PRO A 18 3.36 -7.03 3.79
C PRO A 18 4.25 -7.56 4.91
N PRO A 19 5.01 -6.65 5.55
CA PRO A 19 5.91 -7.00 6.64
C PRO A 19 5.17 -7.41 7.90
N GLU A 20 3.89 -7.07 7.96
CA GLU A 20 3.06 -7.41 9.12
C GLU A 20 2.57 -8.85 9.04
N PHE A 21 2.58 -9.41 7.83
CA PHE A 21 2.13 -10.78 7.61
C PHE A 21 2.94 -11.76 8.46
N GLY A 22 4.21 -11.44 8.66
CA GLY A 22 5.07 -12.30 9.45
C GLY A 22 5.06 -13.73 8.97
N TRP A 1 -12.60 11.96 -9.83
CA TRP A 1 -11.51 11.87 -10.79
C TRP A 1 -10.51 10.79 -10.38
N ARG A 2 -10.59 9.63 -11.02
CA ARG A 2 -9.69 8.52 -10.72
C ARG A 2 -9.69 8.22 -9.22
N PRO A 3 -10.82 7.67 -8.74
CA PRO A 3 -10.98 7.32 -7.32
C PRO A 3 -10.10 6.14 -6.91
N TYR A 4 -8.88 6.42 -6.49
CA TYR A 4 -7.95 5.38 -6.09
C TYR A 4 -6.96 5.90 -5.05
N LEU A 5 -6.97 5.29 -3.87
CA LEU A 5 -6.08 5.69 -2.79
C LEU A 5 -5.76 4.53 -1.87
N GLN A 6 -6.77 3.71 -1.59
CA GLN A 6 -6.59 2.55 -0.72
C GLN A 6 -5.39 1.71 -1.17
N THR A 7 -5.28 1.51 -2.48
CA THR A 7 -4.17 0.73 -3.03
C THR A 7 -2.98 1.63 -3.37
N GLU A 8 -3.27 2.87 -3.74
CA GLU A 8 -2.22 3.83 -4.08
C GLU A 8 -1.39 4.20 -2.87
N TYR A 9 -1.96 3.97 -1.68
CA TYR A 9 -1.28 4.28 -0.43
C TYR A 9 -0.36 3.13 -0.02
N TYR A 10 -0.82 1.91 -0.23
CA TYR A 10 -0.04 0.72 0.12
C TYR A 10 1.33 0.74 -0.55
N ASP A 11 1.39 1.34 -1.73
CA ASP A 11 2.64 1.43 -2.49
C ASP A 11 3.72 2.12 -1.65
N VAL A 12 3.30 3.05 -0.81
CA VAL A 12 4.23 3.78 0.05
C VAL A 12 4.43 3.07 1.39
N MET A 13 3.40 2.35 1.82
CA MET A 13 3.46 1.62 3.08
C MET A 13 3.72 0.13 2.84
N THR A 14 4.48 -0.17 1.79
CA THR A 14 4.81 -1.55 1.46
C THR A 14 6.02 -2.04 2.22
N VAL A 15 6.64 -1.14 3.00
CA VAL A 15 7.82 -1.48 3.78
C VAL A 15 7.43 -1.90 5.20
N ILE A 16 6.13 -1.97 5.45
CA ILE A 16 5.62 -2.37 6.76
C ILE A 16 4.36 -3.21 6.63
N SER A 17 3.98 -3.51 5.40
CA SER A 17 2.78 -4.31 5.14
C SER A 17 3.16 -5.76 4.84
N PRO A 18 3.79 -5.97 3.68
CA PRO A 18 4.22 -7.31 3.25
C PRO A 18 5.37 -7.85 4.10
N PRO A 19 6.18 -6.93 4.65
CA PRO A 19 7.33 -7.30 5.49
C PRO A 19 6.90 -7.89 6.83
N GLU A 20 5.64 -7.66 7.19
CA GLU A 20 5.11 -8.17 8.46
C GLU A 20 4.69 -9.62 8.32
N PHE A 21 4.43 -10.06 7.09
CA PHE A 21 4.02 -11.43 6.82
C PHE A 21 5.05 -12.42 7.34
N GLY A 22 6.32 -12.03 7.28
CA GLY A 22 7.38 -12.89 7.76
C GLY A 22 7.33 -14.27 7.13
N TRP A 1 -15.68 4.21 -7.28
CA TRP A 1 -14.35 4.04 -6.72
C TRP A 1 -13.28 4.22 -7.79
N ARG A 2 -12.51 5.29 -7.67
CA ARG A 2 -11.45 5.58 -8.64
C ARG A 2 -10.08 5.60 -7.95
N PRO A 3 -9.59 4.40 -7.59
CA PRO A 3 -8.29 4.26 -6.92
C PRO A 3 -7.13 4.57 -7.85
N TYR A 4 -6.39 5.64 -7.55
CA TYR A 4 -5.26 6.06 -8.35
C TYR A 4 -4.07 6.43 -7.47
N LEU A 5 -4.19 7.55 -6.77
CA LEU A 5 -3.13 8.03 -5.89
C LEU A 5 -3.11 7.24 -4.58
N GLN A 6 -4.21 6.55 -4.31
CA GLN A 6 -4.32 5.75 -3.09
C GLN A 6 -3.18 4.75 -2.99
N THR A 7 -2.95 4.01 -4.07
CA THR A 7 -1.89 3.02 -4.11
C THR A 7 -0.52 3.67 -3.99
N GLU A 8 -0.40 4.89 -4.50
CA GLU A 8 0.86 5.61 -4.44
C GLU A 8 1.39 5.67 -3.01
N TYR A 9 0.50 5.90 -2.06
CA TYR A 9 0.87 5.98 -0.66
C TYR A 9 1.31 4.62 -0.13
N TYR A 10 0.57 3.58 -0.51
CA TYR A 10 0.87 2.23 -0.08
C TYR A 10 2.16 1.73 -0.70
N ASP A 11 2.51 2.30 -1.85
CA ASP A 11 3.74 1.91 -2.55
C ASP A 11 4.96 2.18 -1.69
N VAL A 12 4.89 3.22 -0.87
CA VAL A 12 6.00 3.59 0.01
C VAL A 12 5.89 2.88 1.35
N MET A 13 4.66 2.57 1.75
CA MET A 13 4.41 1.89 3.02
C MET A 13 4.14 0.40 2.80
N THR A 14 4.77 -0.17 1.79
CA THR A 14 4.59 -1.58 1.47
C THR A 14 5.55 -2.44 2.27
N VAL A 15 6.43 -1.80 3.04
CA VAL A 15 7.40 -2.52 3.86
C VAL A 15 6.88 -2.73 5.27
N ILE A 16 5.64 -2.33 5.50
CA ILE A 16 5.02 -2.47 6.81
C ILE A 16 3.55 -2.84 6.69
N SER A 17 3.09 -3.05 5.46
CA SER A 17 1.70 -3.40 5.21
C SER A 17 1.57 -4.90 4.96
N PRO A 18 2.11 -5.36 3.81
CA PRO A 18 2.07 -6.77 3.42
C PRO A 18 2.95 -7.65 4.31
N PRO A 19 4.01 -7.04 4.86
CA PRO A 19 4.95 -7.74 5.74
C PRO A 19 4.33 -8.11 7.09
N GLU A 20 3.21 -7.46 7.41
CA GLU A 20 2.52 -7.72 8.67
C GLU A 20 1.65 -8.96 8.57
N PHE A 21 1.32 -9.35 7.34
CA PHE A 21 0.48 -10.53 7.11
C PHE A 21 1.12 -11.77 7.71
N GLY A 22 2.45 -11.82 7.69
CA GLY A 22 3.16 -12.97 8.23
C GLY A 22 2.66 -14.28 7.67
N TRP A 1 -10.29 13.71 -8.53
CA TRP A 1 -10.97 12.42 -8.64
C TRP A 1 -10.15 11.32 -7.96
N ARG A 2 -10.68 10.11 -7.97
CA ARG A 2 -10.01 8.98 -7.36
C ARG A 2 -9.73 7.88 -8.39
N PRO A 3 -8.79 8.16 -9.31
CA PRO A 3 -8.43 7.21 -10.37
C PRO A 3 -7.68 6.01 -9.83
N TYR A 4 -6.67 6.26 -8.99
CA TYR A 4 -5.87 5.19 -8.41
C TYR A 4 -5.24 5.64 -7.10
N LEU A 5 -5.55 4.91 -6.02
CA LEU A 5 -5.02 5.23 -4.70
C LEU A 5 -4.84 3.96 -3.87
N GLN A 6 -5.81 3.06 -3.96
CA GLN A 6 -5.76 1.82 -3.21
C GLN A 6 -4.42 1.12 -3.40
N THR A 7 -3.93 1.10 -4.64
CA THR A 7 -2.67 0.46 -4.95
C THR A 7 -1.52 1.46 -4.86
N GLU A 8 -1.81 2.72 -5.16
CA GLU A 8 -0.80 3.78 -5.10
C GLU A 8 -0.36 4.04 -3.67
N TYR A 9 -1.19 3.63 -2.72
CA TYR A 9 -0.89 3.82 -1.31
C TYR A 9 -0.01 2.69 -0.77
N TYR A 10 -0.27 1.47 -1.24
CA TYR A 10 0.49 0.31 -0.81
C TYR A 10 1.98 0.51 -1.09
N ASP A 11 2.29 1.13 -2.21
CA ASP A 11 3.68 1.38 -2.60
C ASP A 11 4.39 2.18 -1.51
N VAL A 12 3.67 3.10 -0.87
CA VAL A 12 4.24 3.92 0.18
C VAL A 12 4.09 3.25 1.55
N MET A 13 3.07 2.41 1.68
CA MET A 13 2.82 1.71 2.93
C MET A 13 3.31 0.26 2.84
N THR A 14 4.37 0.04 2.09
CA THR A 14 4.93 -1.29 1.92
C THR A 14 5.91 -1.63 3.04
N VAL A 15 6.15 -0.67 3.92
CA VAL A 15 7.06 -0.86 5.04
C VAL A 15 6.31 -1.31 6.29
N ILE A 16 5.01 -1.54 6.14
CA ILE A 16 4.18 -1.98 7.25
C ILE A 16 3.11 -2.96 6.79
N SER A 17 3.15 -3.31 5.51
CA SER A 17 2.20 -4.24 4.93
C SER A 17 2.80 -5.64 4.83
N PRO A 18 3.78 -5.79 3.92
CA PRO A 18 4.46 -7.07 3.70
C PRO A 18 5.34 -7.46 4.87
N PRO A 19 5.85 -6.46 5.61
CA PRO A 19 6.71 -6.69 6.77
C PRO A 19 5.96 -7.31 7.93
N GLU A 20 4.63 -7.23 7.89
CA GLU A 20 3.80 -7.79 8.95
C GLU A 20 3.60 -9.28 8.76
N PHE A 21 3.78 -9.74 7.53
CA PHE A 21 3.61 -11.16 7.21
C PHE A 21 4.55 -12.02 8.06
N GLY A 22 5.73 -11.49 8.35
CA GLY A 22 6.69 -12.23 9.16
C GLY A 22 6.95 -13.63 8.62
N TRP A 1 -14.84 4.03 -7.26
CA TRP A 1 -14.01 4.95 -6.48
C TRP A 1 -12.78 5.38 -7.29
N ARG A 2 -12.17 4.41 -7.97
CA ARG A 2 -10.98 4.68 -8.78
C ARG A 2 -9.89 5.34 -7.94
N PRO A 3 -9.29 4.56 -7.03
CA PRO A 3 -8.22 5.05 -6.14
C PRO A 3 -6.93 5.33 -6.89
N TYR A 4 -6.62 6.61 -7.07
CA TYR A 4 -5.41 7.02 -7.77
C TYR A 4 -4.25 7.22 -6.80
N LEU A 5 -4.58 7.66 -5.59
CA LEU A 5 -3.56 7.89 -4.57
C LEU A 5 -3.59 6.79 -3.51
N GLN A 6 -4.78 6.26 -3.25
CA GLN A 6 -4.95 5.19 -2.26
C GLN A 6 -3.98 4.05 -2.53
N THR A 7 -3.85 3.68 -3.79
CA THR A 7 -2.94 2.60 -4.18
C THR A 7 -1.52 3.11 -4.37
N GLU A 8 -1.39 4.38 -4.75
CA GLU A 8 -0.09 4.99 -4.96
C GLU A 8 0.68 5.13 -3.65
N TYR A 9 -0.07 5.35 -2.56
CA TYR A 9 0.54 5.51 -1.25
C TYR A 9 1.09 4.19 -0.74
N TYR A 10 0.37 3.10 -1.05
CA TYR A 10 0.79 1.77 -0.61
C TYR A 10 2.13 1.40 -1.22
N ASP A 11 2.42 1.94 -2.41
CA ASP A 11 3.67 1.67 -3.10
C ASP A 11 4.86 2.01 -2.21
N VAL A 12 4.80 3.17 -1.55
CA VAL A 12 5.88 3.60 -0.67
C VAL A 12 5.76 2.97 0.71
N MET A 13 4.53 2.66 1.10
CA MET A 13 4.28 2.04 2.40
C MET A 13 4.05 0.54 2.25
N THR A 14 4.73 -0.08 1.29
CA THR A 14 4.60 -1.51 1.04
C THR A 14 5.55 -2.31 1.92
N VAL A 15 6.38 -1.60 2.69
CA VAL A 15 7.35 -2.24 3.57
C VAL A 15 6.77 -2.42 4.97
N ILE A 16 5.51 -2.04 5.14
CA ILE A 16 4.84 -2.15 6.43
C ILE A 16 3.38 -2.55 6.25
N SER A 17 2.98 -2.80 5.02
CA SER A 17 1.62 -3.20 4.71
C SER A 17 1.51 -4.71 4.53
N PRO A 18 2.10 -5.21 3.43
CA PRO A 18 2.09 -6.64 3.11
C PRO A 18 2.95 -7.46 4.07
N PRO A 19 3.99 -6.81 4.63
CA PRO A 19 4.91 -7.46 5.57
C PRO A 19 4.25 -7.77 6.91
N GLU A 20 3.11 -7.12 7.16
CA GLU A 20 2.38 -7.33 8.41
C GLU A 20 1.51 -8.58 8.33
N PHE A 21 1.20 -9.00 7.11
CA PHE A 21 0.37 -10.18 6.89
C PHE A 21 1.00 -11.41 7.55
N GLY A 22 2.32 -11.45 7.58
CA GLY A 22 3.02 -12.57 8.18
C GLY A 22 2.56 -13.90 7.63
N TRP A 1 -13.05 11.18 -9.83
CA TRP A 1 -11.60 11.20 -9.91
C TRP A 1 -10.99 10.11 -9.06
N ARG A 2 -9.67 9.93 -9.17
CA ARG A 2 -8.96 8.91 -8.40
C ARG A 2 -9.56 7.53 -8.66
N PRO A 3 -9.28 6.98 -9.85
CA PRO A 3 -9.78 5.66 -10.24
C PRO A 3 -9.13 4.53 -9.45
N TYR A 4 -8.11 4.87 -8.68
CA TYR A 4 -7.38 3.90 -7.89
C TYR A 4 -6.65 4.56 -6.72
N LEU A 5 -6.92 4.09 -5.51
CA LEU A 5 -6.29 4.64 -4.31
C LEU A 5 -6.00 3.54 -3.30
N GLN A 6 -6.95 2.63 -3.14
CA GLN A 6 -6.81 1.52 -2.20
C GLN A 6 -5.47 0.82 -2.40
N THR A 7 -5.10 0.60 -3.65
CA THR A 7 -3.84 -0.07 -3.98
C THR A 7 -2.72 0.94 -4.16
N GLU A 8 -3.07 2.14 -4.64
CA GLU A 8 -2.09 3.19 -4.87
C GLU A 8 -1.53 3.70 -3.55
N TYR A 9 -2.27 3.48 -2.47
CA TYR A 9 -1.84 3.93 -1.15
C TYR A 9 -0.87 2.93 -0.53
N TYR A 10 -1.14 1.64 -0.74
CA TYR A 10 -0.30 0.59 -0.20
C TYR A 10 1.15 0.77 -0.63
N ASP A 11 1.33 1.32 -1.83
CA ASP A 11 2.67 1.54 -2.37
C ASP A 11 3.52 2.34 -1.38
N VAL A 12 2.89 3.29 -0.69
CA VAL A 12 3.59 4.13 0.28
C VAL A 12 3.73 3.41 1.62
N MET A 13 2.75 2.55 1.93
CA MET A 13 2.77 1.81 3.18
C MET A 13 3.21 0.37 2.95
N THR A 14 4.12 0.19 1.99
CA THR A 14 4.63 -1.14 1.67
C THR A 14 5.81 -1.50 2.56
N VAL A 15 6.23 -0.56 3.40
CA VAL A 15 7.35 -0.78 4.31
C VAL A 15 6.87 -1.28 5.66
N ILE A 16 5.56 -1.50 5.78
CA ILE A 16 4.97 -1.99 7.02
C ILE A 16 3.84 -2.97 6.75
N SER A 17 3.63 -3.29 5.47
CA SER A 17 2.57 -4.21 5.08
C SER A 17 3.15 -5.59 4.80
N PRO A 18 3.92 -5.70 3.72
CA PRO A 18 4.54 -6.97 3.32
C PRO A 18 5.65 -7.40 4.28
N PRO A 19 6.29 -6.41 4.93
CA PRO A 19 7.37 -6.66 5.88
C PRO A 19 6.88 -7.33 7.16
N GLU A 20 5.56 -7.26 7.39
CA GLU A 20 4.97 -7.85 8.58
C GLU A 20 4.73 -9.34 8.38
N PHE A 21 4.67 -9.77 7.12
CA PHE A 21 4.44 -11.18 6.80
C PHE A 21 5.53 -12.05 7.41
N GLY A 22 6.75 -11.52 7.48
CA GLY A 22 7.85 -12.28 8.05
C GLY A 22 8.02 -13.63 7.40
N TRP A 1 -16.55 5.85 -7.29
CA TRP A 1 -15.39 6.57 -7.80
C TRP A 1 -14.27 6.60 -6.76
N ARG A 2 -13.04 6.39 -7.22
CA ARG A 2 -11.88 6.39 -6.33
C ARG A 2 -10.70 7.09 -6.98
N PRO A 3 -9.77 7.57 -6.15
CA PRO A 3 -8.56 8.28 -6.61
C PRO A 3 -7.59 7.34 -7.33
N TYR A 4 -6.40 7.86 -7.64
CA TYR A 4 -5.39 7.08 -8.32
C TYR A 4 -4.12 6.99 -7.49
N LEU A 5 -4.20 7.45 -6.25
CA LEU A 5 -3.05 7.42 -5.34
C LEU A 5 -3.17 6.28 -4.35
N GLN A 6 -4.34 5.62 -4.35
CA GLN A 6 -4.58 4.50 -3.46
C GLN A 6 -3.44 3.49 -3.52
N THR A 7 -2.98 3.21 -4.73
CA THR A 7 -1.89 2.25 -4.93
C THR A 7 -0.54 2.87 -4.60
N GLU A 8 -0.44 4.19 -4.78
CA GLU A 8 0.79 4.90 -4.49
C GLU A 8 1.17 4.78 -3.03
N TYR A 9 0.16 4.82 -2.15
CA TYR A 9 0.39 4.72 -0.72
C TYR A 9 0.90 3.33 -0.35
N TYR A 10 0.37 2.31 -1.02
CA TYR A 10 0.76 0.94 -0.77
C TYR A 10 2.17 0.67 -1.27
N ASP A 11 2.58 1.40 -2.30
CA ASP A 11 3.90 1.25 -2.89
C ASP A 11 4.98 1.70 -1.90
N VAL A 12 4.76 2.86 -1.29
CA VAL A 12 5.71 3.41 -0.32
C VAL A 12 5.53 2.77 1.05
N MET A 13 4.33 2.27 1.32
CA MET A 13 4.03 1.64 2.60
C MET A 13 4.02 0.12 2.45
N THR A 14 4.87 -0.39 1.57
CA THR A 14 4.96 -1.83 1.34
C THR A 14 5.91 -2.49 2.33
N VAL A 15 6.56 -1.67 3.16
CA VAL A 15 7.49 -2.18 4.15
C VAL A 15 6.79 -2.42 5.49
N ILE A 16 5.48 -2.23 5.51
CA ILE A 16 4.70 -2.43 6.72
C ILE A 16 3.33 -3.03 6.40
N SER A 17 3.11 -3.32 5.13
CA SER A 17 1.84 -3.90 4.69
C SER A 17 1.96 -5.41 4.51
N PRO A 18 2.73 -5.82 3.48
CA PRO A 18 2.95 -7.24 3.18
C PRO A 18 3.81 -7.94 4.24
N PRO A 19 4.68 -7.16 4.90
CA PRO A 19 5.57 -7.68 5.93
C PRO A 19 4.81 -8.08 7.19
N GLU A 20 3.58 -7.60 7.32
CA GLU A 20 2.76 -7.91 8.49
C GLU A 20 2.10 -9.27 8.33
N PHE A 21 2.02 -9.76 7.10
CA PHE A 21 1.41 -11.05 6.82
C PHE A 21 2.14 -12.17 7.56
N GLY A 22 3.40 -11.94 7.87
CA GLY A 22 4.19 -12.94 8.58
C GLY A 22 3.51 -13.41 9.85
N TRP A 1 -11.47 12.79 -5.76
CA TRP A 1 -11.55 11.34 -5.87
C TRP A 1 -10.76 10.84 -7.08
N ARG A 2 -9.47 10.61 -6.88
CA ARG A 2 -8.60 10.13 -7.94
C ARG A 2 -9.14 8.82 -8.54
N PRO A 3 -8.69 8.50 -9.76
CA PRO A 3 -9.11 7.28 -10.45
C PRO A 3 -8.56 6.02 -9.81
N TYR A 4 -7.50 6.18 -9.01
CA TYR A 4 -6.87 5.05 -8.33
C TYR A 4 -6.06 5.52 -7.13
N LEU A 5 -6.35 4.96 -5.96
CA LEU A 5 -5.64 5.33 -4.74
C LEU A 5 -5.52 4.12 -3.81
N GLN A 6 -6.59 3.35 -3.71
CA GLN A 6 -6.60 2.17 -2.85
C GLN A 6 -5.38 1.29 -3.12
N THR A 7 -5.05 1.12 -4.40
CA THR A 7 -3.91 0.30 -4.79
C THR A 7 -2.65 1.15 -4.92
N GLU A 8 -2.83 2.41 -5.29
CA GLU A 8 -1.70 3.33 -5.45
C GLU A 8 -1.06 3.64 -4.11
N TYR A 9 -1.82 3.45 -3.04
CA TYR A 9 -1.34 3.72 -1.69
C TYR A 9 -0.53 2.54 -1.16
N TYR A 10 -0.97 1.33 -1.47
CA TYR A 10 -0.30 0.13 -1.02
C TYR A 10 1.16 0.12 -1.47
N ASP A 11 1.42 0.73 -2.63
CA ASP A 11 2.77 0.80 -3.17
C ASP A 11 3.67 1.65 -2.28
N VAL A 12 3.15 2.80 -1.85
CA VAL A 12 3.90 3.71 -0.99
C VAL A 12 3.94 3.19 0.45
N MET A 13 2.90 2.47 0.84
CA MET A 13 2.81 1.93 2.19
C MET A 13 3.16 0.44 2.20
N THR A 14 4.07 0.04 1.32
CA THR A 14 4.48 -1.35 1.23
C THR A 14 5.60 -1.67 2.21
N VAL A 15 6.07 -0.64 2.92
CA VAL A 15 7.14 -0.80 3.90
C VAL A 15 6.58 -1.04 5.29
N ILE A 16 5.25 -1.14 5.38
CA ILE A 16 4.59 -1.37 6.66
C ILE A 16 3.39 -2.30 6.49
N SER A 17 3.19 -2.79 5.27
CA SER A 17 2.09 -3.70 4.98
C SER A 17 2.55 -5.14 4.95
N PRO A 18 3.36 -5.49 3.94
CA PRO A 18 3.88 -6.85 3.77
C PRO A 18 4.93 -7.19 4.84
N PRO A 19 5.61 -6.16 5.35
CA PRO A 19 6.64 -6.33 6.38
C PRO A 19 6.05 -6.74 7.73
N GLU A 20 4.74 -6.55 7.87
CA GLU A 20 4.06 -6.89 9.12
C GLU A 20 3.71 -8.38 9.16
N PHE A 21 3.66 -8.98 7.98
CA PHE A 21 3.33 -10.40 7.87
C PHE A 21 4.32 -11.25 8.67
N GLY A 22 5.57 -10.81 8.71
CA GLY A 22 6.59 -11.54 9.44
C GLY A 22 6.66 -13.00 9.05
N TRP A 1 -14.48 5.34 -11.59
CA TRP A 1 -13.69 6.25 -10.80
C TRP A 1 -12.75 5.50 -9.86
N ARG A 2 -11.62 5.04 -10.40
CA ARG A 2 -10.65 4.30 -9.61
C ARG A 2 -9.70 5.25 -8.87
N PRO A 3 -9.04 4.74 -7.83
CA PRO A 3 -8.10 5.52 -7.02
C PRO A 3 -6.83 5.87 -7.79
N TYR A 4 -6.16 6.93 -7.37
CA TYR A 4 -4.92 7.37 -8.02
C TYR A 4 -3.83 7.64 -6.99
N LEU A 5 -4.06 8.67 -6.17
CA LEU A 5 -3.10 9.05 -5.14
C LEU A 5 -3.21 8.13 -3.93
N GLN A 6 -4.39 7.53 -3.75
CA GLN A 6 -4.63 6.62 -2.63
C GLN A 6 -3.57 5.53 -2.58
N THR A 7 -3.41 4.81 -3.69
CA THR A 7 -2.43 3.74 -3.77
C THR A 7 -1.02 4.26 -3.54
N GLU A 8 -0.77 5.50 -3.95
CA GLU A 8 0.54 6.12 -3.79
C GLU A 8 0.94 6.16 -2.32
N TYR A 9 -0.05 6.15 -1.44
CA TYR A 9 0.20 6.18 0.00
C TYR A 9 0.22 4.77 0.58
N TYR A 10 -0.68 3.93 0.11
CA TYR A 10 -0.77 2.55 0.59
C TYR A 10 0.53 1.79 0.29
N ASP A 11 0.99 1.88 -0.95
CA ASP A 11 2.22 1.20 -1.35
C ASP A 11 3.38 1.60 -0.44
N VAL A 12 3.35 2.83 0.05
CA VAL A 12 4.41 3.32 0.93
C VAL A 12 4.42 2.55 2.25
N MET A 13 3.29 1.95 2.59
CA MET A 13 3.18 1.18 3.82
C MET A 13 2.97 -0.30 3.52
N THR A 14 2.89 -0.64 2.24
CA THR A 14 2.70 -2.02 1.82
C THR A 14 3.99 -2.81 1.92
N VAL A 15 5.08 -2.13 2.27
CA VAL A 15 6.38 -2.76 2.41
C VAL A 15 6.67 -3.09 3.88
N ILE A 16 5.66 -2.96 4.72
CA ILE A 16 5.82 -3.25 6.14
C ILE A 16 4.56 -3.91 6.71
N SER A 17 3.60 -4.18 5.84
CA SER A 17 2.36 -4.81 6.25
C SER A 17 2.35 -6.30 5.88
N PRO A 18 2.35 -6.58 4.58
CA PRO A 18 2.35 -7.95 4.07
C PRO A 18 3.67 -8.67 4.32
N PRO A 19 4.76 -7.89 4.39
CA PRO A 19 6.11 -8.42 4.63
C PRO A 19 6.28 -8.96 6.04
N GLU A 20 5.36 -8.58 6.93
CA GLU A 20 5.41 -9.03 8.32
C GLU A 20 4.78 -10.41 8.46
N PHE A 21 3.94 -10.79 7.50
CA PHE A 21 3.28 -12.08 7.52
C PHE A 21 4.30 -13.22 7.57
N GLY A 22 5.46 -13.00 6.94
CA GLY A 22 6.50 -14.01 6.92
C GLY A 22 5.98 -15.35 6.46
N TRP A 1 -13.08 4.59 -5.19
CA TRP A 1 -13.34 5.19 -6.49
C TRP A 1 -12.05 5.68 -7.14
N ARG A 2 -11.94 5.51 -8.45
CA ARG A 2 -10.75 5.94 -9.18
C ARG A 2 -9.50 5.27 -8.61
N PRO A 3 -9.33 3.97 -8.89
CA PRO A 3 -8.19 3.20 -8.41
C PRO A 3 -6.88 3.62 -9.11
N TYR A 4 -6.31 4.73 -8.67
CA TYR A 4 -5.07 5.23 -9.25
C TYR A 4 -4.09 5.65 -8.16
N LEU A 5 -4.46 6.68 -7.41
CA LEU A 5 -3.62 7.18 -6.33
C LEU A 5 -3.76 6.33 -5.08
N GLN A 6 -4.90 5.65 -4.96
CA GLN A 6 -5.17 4.79 -3.81
C GLN A 6 -4.02 3.82 -3.58
N THR A 7 -3.62 3.13 -4.65
CA THR A 7 -2.54 2.16 -4.57
C THR A 7 -1.20 2.84 -4.32
N GLU A 8 -1.06 4.06 -4.82
CA GLU A 8 0.17 4.83 -4.64
C GLU A 8 0.51 4.97 -3.15
N TYR A 9 -0.52 5.01 -2.33
CA TYR A 9 -0.33 5.15 -0.89
C TYR A 9 0.10 3.83 -0.26
N TYR A 10 -0.57 2.76 -0.66
CA TYR A 10 -0.26 1.42 -0.14
C TYR A 10 1.15 1.00 -0.55
N ASP A 11 1.62 1.53 -1.67
CA ASP A 11 2.95 1.21 -2.18
C ASP A 11 4.03 1.76 -1.24
N VAL A 12 3.70 2.85 -0.55
CA VAL A 12 4.65 3.47 0.38
C VAL A 12 4.64 2.77 1.73
N MET A 13 3.52 2.11 2.04
CA MET A 13 3.39 1.41 3.31
C MET A 13 3.49 -0.10 3.10
N THR A 14 3.80 -0.50 1.87
CA THR A 14 3.92 -1.92 1.54
C THR A 14 5.15 -2.53 2.19
N VAL A 15 5.96 -1.69 2.82
CA VAL A 15 7.18 -2.15 3.49
C VAL A 15 6.94 -2.36 4.97
N ILE A 16 5.67 -2.31 5.38
CA ILE A 16 5.31 -2.51 6.78
C ILE A 16 3.99 -3.25 6.90
N SER A 17 3.42 -3.63 5.77
CA SER A 17 2.15 -4.36 5.75
C SER A 17 2.38 -5.85 5.56
N PRO A 18 2.90 -6.23 4.39
CA PRO A 18 3.18 -7.63 4.06
C PRO A 18 4.34 -8.19 4.86
N PRO A 19 5.27 -7.31 5.27
CA PRO A 19 6.45 -7.69 6.06
C PRO A 19 6.08 -8.13 7.47
N GLU A 20 4.88 -7.76 7.90
CA GLU A 20 4.41 -8.11 9.23
C GLU A 20 3.86 -9.53 9.27
N PHE A 21 3.49 -10.04 8.10
CA PHE A 21 2.95 -11.39 7.99
C PHE A 21 3.93 -12.43 8.53
N GLY A 22 5.22 -12.16 8.37
CA GLY A 22 6.25 -13.06 8.84
C GLY A 22 6.02 -14.49 8.36
N TRP A 1 -14.49 7.23 -8.52
CA TRP A 1 -14.25 8.31 -9.47
C TRP A 1 -12.77 8.40 -9.83
N ARG A 2 -11.92 8.46 -8.81
CA ARG A 2 -10.48 8.56 -9.02
C ARG A 2 -9.97 7.34 -9.80
N PRO A 3 -8.77 7.48 -10.39
CA PRO A 3 -8.16 6.40 -11.17
C PRO A 3 -7.69 5.25 -10.29
N TYR A 4 -6.97 5.58 -9.23
CA TYR A 4 -6.46 4.57 -8.30
C TYR A 4 -5.66 5.21 -7.17
N LEU A 5 -5.93 4.79 -5.94
CA LEU A 5 -5.24 5.32 -4.78
C LEU A 5 -4.99 4.23 -3.75
N GLN A 6 -5.97 3.37 -3.55
CA GLN A 6 -5.86 2.27 -2.60
C GLN A 6 -4.62 1.42 -2.89
N THR A 7 -4.45 1.07 -4.16
CA THR A 7 -3.31 0.26 -4.58
C THR A 7 -2.05 1.12 -4.74
N GLU A 8 -2.25 2.40 -5.02
CA GLU A 8 -1.14 3.32 -5.20
C GLU A 8 -0.54 3.74 -3.86
N TYR A 9 -1.31 3.55 -2.80
CA TYR A 9 -0.86 3.89 -1.45
C TYR A 9 -0.08 2.75 -0.83
N TYR A 10 -0.48 1.53 -1.14
CA TYR A 10 0.18 0.34 -0.62
C TYR A 10 1.65 0.31 -1.01
N ASP A 11 1.97 0.96 -2.13
CA ASP A 11 3.35 1.01 -2.62
C ASP A 11 4.24 1.76 -1.64
N VAL A 12 3.75 2.91 -1.15
CA VAL A 12 4.50 3.72 -0.21
C VAL A 12 4.49 3.10 1.19
N MET A 13 3.43 2.38 1.50
CA MET A 13 3.30 1.74 2.81
C MET A 13 3.60 0.25 2.71
N THR A 14 4.52 -0.11 1.82
CA THR A 14 4.89 -1.50 1.62
C THR A 14 5.99 -1.92 2.59
N VAL A 15 6.46 -0.96 3.38
CA VAL A 15 7.51 -1.24 4.36
C VAL A 15 6.92 -1.57 5.73
N ILE A 16 5.59 -1.63 5.78
CA ILE A 16 4.90 -1.94 7.03
C ILE A 16 3.68 -2.83 6.77
N SER A 17 3.49 -3.22 5.52
CA SER A 17 2.36 -4.06 5.13
C SER A 17 2.78 -5.51 5.01
N PRO A 18 3.60 -5.80 3.98
CA PRO A 18 4.10 -7.16 3.72
C PRO A 18 5.10 -7.61 4.77
N PRO A 19 5.81 -6.65 5.37
CA PRO A 19 6.82 -6.93 6.40
C PRO A 19 6.19 -7.42 7.71
N GLU A 20 4.89 -7.20 7.85
CA GLU A 20 4.17 -7.62 9.05
C GLU A 20 3.77 -9.09 8.95
N PHE A 21 3.73 -9.61 7.74
CA PHE A 21 3.36 -11.00 7.52
C PHE A 21 4.32 -11.94 8.25
N GLY A 22 5.54 -11.46 8.48
CA GLY A 22 6.53 -12.26 9.17
C GLY A 22 6.02 -12.83 10.48
N TRP A 1 -15.80 3.77 -9.01
CA TRP A 1 -14.60 4.26 -8.35
C TRP A 1 -13.40 4.22 -9.29
N ARG A 2 -12.60 5.28 -9.27
CA ARG A 2 -11.42 5.36 -10.13
C ARG A 2 -10.19 5.72 -9.31
N PRO A 3 -9.69 4.76 -8.53
CA PRO A 3 -8.51 4.94 -7.69
C PRO A 3 -7.23 5.08 -8.50
N TYR A 4 -6.42 6.07 -8.17
CA TYR A 4 -5.16 6.31 -8.88
C TYR A 4 -4.02 6.57 -7.89
N LEU A 5 -4.11 7.68 -7.18
CA LEU A 5 -3.10 8.06 -6.20
C LEU A 5 -3.28 7.28 -4.91
N GLN A 6 -4.49 6.79 -4.68
CA GLN A 6 -4.80 6.03 -3.48
C GLN A 6 -3.79 4.89 -3.29
N THR A 7 -3.60 4.10 -4.34
CA THR A 7 -2.67 2.98 -4.29
C THR A 7 -1.23 3.46 -4.26
N GLU A 8 -0.96 4.58 -4.93
CA GLU A 8 0.38 5.15 -4.97
C GLU A 8 0.91 5.40 -3.56
N TYR A 9 0.00 5.60 -2.62
CA TYR A 9 0.37 5.87 -1.24
C TYR A 9 0.65 4.56 -0.50
N TYR A 10 -0.21 3.58 -0.71
CA TYR A 10 -0.07 2.28 -0.05
C TYR A 10 1.23 1.61 -0.48
N ASP A 11 1.71 1.94 -1.67
CA ASP A 11 2.95 1.37 -2.19
C ASP A 11 4.14 1.78 -1.33
N VAL A 12 4.01 2.91 -0.64
CA VAL A 12 5.07 3.41 0.23
C VAL A 12 5.03 2.73 1.59
N MET A 13 3.86 2.24 1.96
CA MET A 13 3.70 1.56 3.25
C MET A 13 3.59 0.05 3.07
N THR A 14 3.72 -0.40 1.82
CA THR A 14 3.63 -1.82 1.50
C THR A 14 4.85 -2.56 2.03
N VAL A 15 5.82 -1.83 2.57
CA VAL A 15 7.03 -2.43 3.10
C VAL A 15 6.92 -2.61 4.61
N ILE A 16 5.73 -2.41 5.14
CA ILE A 16 5.49 -2.57 6.58
C ILE A 16 4.11 -3.16 6.85
N SER A 17 3.38 -3.46 5.78
CA SER A 17 2.05 -4.03 5.90
C SER A 17 2.08 -5.55 5.72
N PRO A 18 2.43 -5.98 4.49
CA PRO A 18 2.50 -7.40 4.15
C PRO A 18 3.67 -8.10 4.84
N PRO A 19 4.73 -7.33 5.14
CA PRO A 19 5.93 -7.85 5.80
C PRO A 19 5.67 -8.24 7.26
N GLU A 20 4.56 -7.74 7.81
CA GLU A 20 4.21 -8.02 9.18
C GLU A 20 3.49 -9.38 9.29
N PHE A 21 2.95 -9.84 8.17
CA PHE A 21 2.25 -11.11 8.14
C PHE A 21 3.16 -12.25 8.59
N GLY A 22 4.44 -12.13 8.30
CA GLY A 22 5.39 -13.16 8.68
C GLY A 22 4.96 -14.54 8.23
N TRP A 1 -14.63 9.62 -5.89
CA TRP A 1 -13.27 9.57 -6.40
C TRP A 1 -12.82 8.13 -6.63
N ARG A 2 -12.83 7.72 -7.90
CA ARG A 2 -12.44 6.36 -8.27
C ARG A 2 -11.05 6.04 -7.71
N PRO A 3 -10.74 4.74 -7.61
CA PRO A 3 -9.45 4.27 -7.11
C PRO A 3 -8.30 4.57 -8.07
N TYR A 4 -7.50 5.57 -7.71
CA TYR A 4 -6.36 5.96 -8.54
C TYR A 4 -5.12 6.20 -7.69
N LEU A 5 -5.17 7.26 -6.87
CA LEU A 5 -4.04 7.60 -6.00
C LEU A 5 -3.97 6.64 -4.81
N GLN A 6 -5.11 6.06 -4.47
CA GLN A 6 -5.18 5.13 -3.35
C GLN A 6 -4.11 4.04 -3.48
N THR A 7 -4.15 3.31 -4.58
CA THR A 7 -3.19 2.24 -4.83
C THR A 7 -1.77 2.77 -4.83
N GLU A 8 -1.61 4.04 -5.19
CA GLU A 8 -0.30 4.67 -5.24
C GLU A 8 0.25 4.88 -3.82
N TYR A 9 -0.64 4.91 -2.84
CA TYR A 9 -0.26 5.10 -1.45
C TYR A 9 0.20 3.79 -0.83
N TYR A 10 -0.32 2.68 -1.34
CA TYR A 10 0.04 1.36 -0.83
C TYR A 10 1.55 1.18 -0.80
N ASP A 11 2.23 1.72 -1.81
CA ASP A 11 3.68 1.61 -1.89
C ASP A 11 4.34 2.19 -0.64
N VAL A 12 3.69 3.20 -0.04
CA VAL A 12 4.22 3.83 1.15
C VAL A 12 3.94 2.98 2.39
N MET A 13 2.94 2.12 2.30
CA MET A 13 2.58 1.25 3.41
C MET A 13 3.04 -0.18 3.16
N THR A 14 3.79 -0.36 2.07
CA THR A 14 4.30 -1.68 1.71
C THR A 14 5.37 -2.14 2.69
N VAL A 15 5.77 -1.25 3.60
CA VAL A 15 6.79 -1.57 4.59
C VAL A 15 6.16 -2.00 5.91
N ILE A 16 4.84 -2.23 5.88
CA ILE A 16 4.12 -2.65 7.07
C ILE A 16 3.01 -3.63 6.72
N SER A 17 2.90 -3.96 5.44
CA SER A 17 1.88 -4.89 4.97
C SER A 17 2.47 -6.28 4.78
N PRO A 18 3.38 -6.43 3.81
CA PRO A 18 4.03 -7.70 3.51
C PRO A 18 4.99 -8.14 4.61
N PRO A 19 5.54 -7.16 5.35
CA PRO A 19 6.47 -7.43 6.45
C PRO A 19 5.79 -8.09 7.63
N GLU A 20 4.47 -7.99 7.68
CA GLU A 20 3.70 -8.58 8.77
C GLU A 20 3.46 -10.08 8.54
N PHE A 21 3.60 -10.49 7.29
CA PHE A 21 3.40 -11.90 6.92
C PHE A 21 4.37 -12.80 7.69
N GLY A 22 5.56 -12.28 7.96
CA GLY A 22 6.55 -13.05 8.69
C GLY A 22 6.78 -14.42 8.08
N TRP A 1 -14.08 4.62 -5.45
CA TRP A 1 -14.54 5.12 -6.73
C TRP A 1 -13.37 5.50 -7.64
N ARG A 2 -12.91 4.53 -8.43
CA ARG A 2 -11.78 4.76 -9.34
C ARG A 2 -10.58 5.31 -8.58
N PRO A 3 -9.94 4.46 -7.79
CA PRO A 3 -8.75 4.84 -7.00
C PRO A 3 -7.54 5.11 -7.87
N TYR A 4 -6.78 6.14 -7.50
CA TYR A 4 -5.58 6.50 -8.26
C TYR A 4 -4.40 6.75 -7.32
N LEU A 5 -4.52 7.79 -6.50
CA LEU A 5 -3.47 8.15 -5.55
C LEU A 5 -3.53 7.27 -4.31
N GLN A 6 -4.71 6.72 -4.04
CA GLN A 6 -4.90 5.86 -2.88
C GLN A 6 -3.87 4.74 -2.86
N THR A 7 -3.74 4.03 -3.98
CA THR A 7 -2.79 2.94 -4.09
C THR A 7 -1.36 3.44 -4.03
N GLU A 8 -1.14 4.66 -4.52
CA GLU A 8 0.19 5.26 -4.51
C GLU A 8 0.75 5.32 -3.09
N TYR A 9 -0.14 5.38 -2.11
CA TYR A 9 0.25 5.44 -0.71
C TYR A 9 0.59 4.06 -0.17
N TYR A 10 -0.25 3.08 -0.49
CA TYR A 10 -0.05 1.71 -0.04
C TYR A 10 1.28 1.16 -0.57
N ASP A 11 1.71 1.67 -1.72
CA ASP A 11 2.94 1.23 -2.34
C ASP A 11 4.15 1.67 -1.51
N VAL A 12 3.99 2.76 -0.78
CA VAL A 12 5.07 3.29 0.05
C VAL A 12 5.10 2.59 1.41
N MET A 13 3.95 2.05 1.82
CA MET A 13 3.85 1.36 3.10
C MET A 13 3.78 -0.15 2.89
N THR A 14 3.96 -0.58 1.65
CA THR A 14 3.91 -2.00 1.32
C THR A 14 5.12 -2.73 1.88
N VAL A 15 6.06 -1.97 2.43
CA VAL A 15 7.27 -2.55 3.00
C VAL A 15 7.13 -2.74 4.51
N ILE A 16 5.92 -2.57 5.01
CA ILE A 16 5.64 -2.73 6.43
C ILE A 16 4.27 -3.34 6.67
N SER A 17 3.58 -3.66 5.58
CA SER A 17 2.25 -4.26 5.66
C SER A 17 2.32 -5.77 5.47
N PRO A 18 2.70 -6.20 4.26
CA PRO A 18 2.82 -7.62 3.91
C PRO A 18 3.97 -8.29 4.63
N PRO A 19 5.02 -7.51 4.96
CA PRO A 19 6.20 -8.00 5.65
C PRO A 19 5.91 -8.39 7.10
N GLU A 20 4.79 -7.92 7.62
CA GLU A 20 4.40 -8.22 8.99
C GLU A 20 3.70 -9.56 9.07
N PHE A 21 3.17 -10.02 7.94
CA PHE A 21 2.47 -11.30 7.88
C PHE A 21 3.38 -12.44 8.33
N GLY A 22 4.67 -12.30 8.06
CA GLY A 22 5.63 -13.33 8.45
C GLY A 22 5.22 -14.71 7.97
N TRP A 1 -15.93 7.23 -7.77
CA TRP A 1 -15.07 6.63 -8.78
C TRP A 1 -13.97 5.80 -8.13
N ARG A 2 -13.36 4.91 -8.91
CA ARG A 2 -12.29 4.06 -8.41
C ARG A 2 -11.21 4.90 -7.72
N PRO A 3 -10.45 4.25 -6.82
CA PRO A 3 -9.37 4.90 -6.08
C PRO A 3 -8.19 5.27 -6.96
N TYR A 4 -7.45 6.30 -6.57
CA TYR A 4 -6.29 6.75 -7.34
C TYR A 4 -5.10 7.00 -6.41
N LEU A 5 -5.23 7.99 -5.54
CA LEU A 5 -4.16 8.33 -4.61
C LEU A 5 -4.16 7.39 -3.40
N GLN A 6 -5.32 6.80 -3.13
CA GLN A 6 -5.45 5.87 -2.01
C GLN A 6 -4.38 4.79 -2.07
N THR A 7 -4.25 4.16 -3.24
CA THR A 7 -3.27 3.10 -3.42
C THR A 7 -1.84 3.66 -3.37
N GLU A 8 -1.69 4.90 -3.81
CA GLU A 8 -0.38 5.55 -3.82
C GLU A 8 0.23 5.54 -2.42
N TYR A 9 -0.62 5.52 -1.40
CA TYR A 9 -0.17 5.51 -0.02
C TYR A 9 0.22 4.10 0.43
N TYR A 10 -0.63 3.14 0.09
CA TYR A 10 -0.39 1.75 0.45
C TYR A 10 0.89 1.23 -0.20
N ASP A 11 1.23 1.80 -1.35
CA ASP A 11 2.42 1.40 -2.08
C ASP A 11 3.69 1.79 -1.32
N VAL A 12 3.58 2.86 -0.54
CA VAL A 12 4.73 3.34 0.24
C VAL A 12 4.86 2.56 1.55
N MET A 13 3.75 1.99 2.01
CA MET A 13 3.74 1.20 3.25
C MET A 13 3.66 -0.29 2.94
N THR A 14 3.74 -0.64 1.66
CA THR A 14 3.67 -2.03 1.24
C THR A 14 4.93 -2.79 1.65
N VAL A 15 5.91 -2.07 2.19
CA VAL A 15 7.16 -2.66 2.62
C VAL A 15 7.13 -2.97 4.12
N ILE A 16 5.96 -2.83 4.73
CA ILE A 16 5.80 -3.08 6.16
C ILE A 16 4.45 -3.71 6.45
N SER A 17 3.67 -3.97 5.40
CA SER A 17 2.35 -4.57 5.55
C SER A 17 2.41 -6.07 5.26
N PRO A 18 2.70 -6.42 3.99
CA PRO A 18 2.79 -7.80 3.55
C PRO A 18 4.01 -8.52 4.13
N PRO A 19 5.06 -7.75 4.43
CA PRO A 19 6.30 -8.29 4.99
C PRO A 19 6.13 -8.77 6.42
N GLU A 20 5.04 -8.34 7.06
CA GLU A 20 4.76 -8.74 8.44
C GLU A 20 4.08 -10.10 8.48
N PHE A 21 3.51 -10.50 7.36
CA PHE A 21 2.83 -11.80 7.27
C PHE A 21 3.78 -12.94 7.58
N GLY A 22 5.07 -12.71 7.36
CA GLY A 22 6.06 -13.73 7.62
C GLY A 22 5.96 -14.29 9.02
N TRP A 1 -12.98 0.19 -7.14
CA TRP A 1 -12.10 1.21 -6.59
C TRP A 1 -10.78 1.27 -7.37
N ARG A 2 -10.74 2.11 -8.39
CA ARG A 2 -9.54 2.25 -9.22
C ARG A 2 -8.97 3.67 -9.11
N PRO A 3 -8.38 3.99 -7.96
CA PRO A 3 -7.79 5.30 -7.70
C PRO A 3 -6.53 5.54 -8.53
N TYR A 4 -5.85 6.64 -8.25
CA TYR A 4 -4.62 6.99 -8.97
C TYR A 4 -3.52 7.43 -8.00
N LEU A 5 -3.74 8.55 -7.33
CA LEU A 5 -2.78 9.07 -6.38
C LEU A 5 -2.87 8.33 -5.04
N GLN A 6 -4.04 7.77 -4.77
CA GLN A 6 -4.27 7.04 -3.53
C GLN A 6 -3.22 5.95 -3.35
N THR A 7 -3.07 5.08 -4.35
CA THR A 7 -2.10 3.99 -4.30
C THR A 7 -0.69 4.54 -4.13
N GLU A 8 -0.44 5.72 -4.66
CA GLU A 8 0.88 6.34 -4.57
C GLU A 8 1.31 6.47 -3.12
N TYR A 9 0.34 6.53 -2.21
CA TYR A 9 0.62 6.66 -0.79
C TYR A 9 0.77 5.29 -0.14
N TYR A 10 -0.15 4.39 -0.46
CA TYR A 10 -0.12 3.03 0.09
C TYR A 10 1.17 2.31 -0.31
N ASP A 11 1.75 2.71 -1.43
CA ASP A 11 2.98 2.11 -1.91
C ASP A 11 4.12 2.34 -0.93
N VAL A 12 4.01 3.41 -0.15
CA VAL A 12 5.04 3.74 0.83
C VAL A 12 4.87 2.92 2.11
N MET A 13 3.65 2.46 2.35
CA MET A 13 3.36 1.66 3.53
C MET A 13 3.16 0.19 3.16
N THR A 14 3.35 -0.12 1.89
CA THR A 14 3.20 -1.49 1.40
C THR A 14 4.34 -2.38 1.90
N VAL A 15 5.31 -1.77 2.57
CA VAL A 15 6.45 -2.50 3.11
C VAL A 15 6.23 -2.85 4.57
N ILE A 16 5.02 -2.62 5.07
CA ILE A 16 4.69 -2.92 6.45
C ILE A 16 3.27 -3.45 6.58
N SER A 17 2.60 -3.60 5.43
CA SER A 17 1.23 -4.08 5.41
C SER A 17 1.19 -5.57 5.06
N PRO A 18 1.59 -5.89 3.82
CA PRO A 18 1.61 -7.27 3.33
C PRO A 18 2.69 -8.11 4.01
N PRO A 19 3.76 -7.44 4.45
CA PRO A 19 4.88 -8.11 5.13
C PRO A 19 4.50 -8.62 6.50
N GLU A 20 3.40 -8.12 7.04
CA GLU A 20 2.93 -8.53 8.36
C GLU A 20 2.14 -9.84 8.27
N PHE A 21 1.66 -10.15 7.07
CA PHE A 21 0.90 -11.37 6.85
C PHE A 21 1.71 -12.61 7.21
N GLY A 22 3.03 -12.48 7.13
CA GLY A 22 3.90 -13.60 7.46
C GLY A 22 3.59 -14.20 8.82
#